data_5HQ4
#
_entry.id   5HQ4
#
_cell.length_a   119.545
_cell.length_b   119.545
_cell.length_c   182.757
_cell.angle_alpha   90.000
_cell.angle_beta   90.000
_cell.angle_gamma   120.000
#
_symmetry.space_group_name_H-M   'P 32 2 1'
#
loop_
_entity.id
_entity.type
_entity.pdbx_description
1 polymer Alpha-glucosidase
2 non-polymer GLYCEROL
3 non-polymer 'CALCIUM ION'
4 non-polymer 'CHLORIDE ION'
5 non-polymer 'MAGNESIUM ION'
6 non-polymer 'FORMIC ACID'
7 non-polymer 'UNKNOWN ATOM OR ION'
8 water water
#
_entity_poly.entity_id   1
_entity_poly.type   'polypeptide(L)'
_entity_poly.pdbx_seq_one_letter_code
;ATVQSPDGNIKIIISDEQSTPSYSISFKNKTVINNSALGFEFKQHAPFSNSFKITKVQQQSTNTQWQQPWGERQTVVDQH
NEVTVTFAKPQPQGGTYSVRFKAFDSGVGFRYEVPKQAGLNNIEITKELTEFAVNNSHTATAWWIPARGWNRYEYVYNTT
PLNDAALVHTPFTFKNQDGVHISIHEAALVDYAAMVLNQRRPGVFQADLTPWSSGVAVKKQGAFNTPWRTIQIGEKAVDL
VNSDIILNLNEPNKLGDVSWVKPGKYIGIWWGMHINTHTWGSGDKHGATTKNTKYYMDFAAKYGFDGVLVEGWNTGWDGD
WFFNGDVFSFTQPYDDFDIAALTKYSKQTGVQLIGHHETSGNVSNYRKQMADAFALYEKSNVSQVKTGYVADGGNIKRID
KNGIARHEWHDGQFMVNEYLHNVKLAAKHKISINTHEPIKDTGLRRTYPNWITREGARGQEFNAWGTPPNPPEHISMLAF
TRMLAGPMDFTPGIFDLSFNGLGANTNRPQTTLAKQLALYVVLYSPIQMAADLPKNYLAKPDAFQFIQDVPTDWQQSIAL
DGAVGDFIVFARKERKRDKYTGNDWYLGAVTDEQARTIEISLDFLDNGKQFEAHIYKDGKNAEWKNNPYDLTIEKRLVTA
SDKLTLKLATSGGTAIRFKALLEHHHHHH
;
_entity_poly.pdbx_strand_id   A
#
loop_
_chem_comp.id
_chem_comp.type
_chem_comp.name
_chem_comp.formula
CA non-polymer 'CALCIUM ION' 'Ca 2'
CL non-polymer 'CHLORIDE ION' 'Cl -1'
FMT non-polymer 'FORMIC ACID' 'C H2 O2'
GOL non-polymer GLYCEROL 'C3 H8 O3'
MG non-polymer 'MAGNESIUM ION' 'Mg 2'
UNX non-polymer 'UNKNOWN ATOM OR ION' ?
#
# COMPACT_ATOMS: atom_id res chain seq x y z
N ALA A 1 12.53 30.20 -12.01
CA ALA A 1 12.63 29.94 -10.58
C ALA A 1 13.33 28.60 -10.38
N THR A 2 14.11 28.47 -9.30
CA THR A 2 14.82 27.22 -9.03
C THR A 2 14.68 26.90 -7.55
N VAL A 3 14.47 25.62 -7.24
CA VAL A 3 14.56 25.14 -5.86
C VAL A 3 15.37 23.85 -5.89
N GLN A 4 16.11 23.59 -4.81
CA GLN A 4 17.00 22.45 -4.74
C GLN A 4 16.77 21.68 -3.45
N SER A 5 17.10 20.39 -3.48
CA SER A 5 17.07 19.61 -2.25
C SER A 5 18.09 20.20 -1.26
N PRO A 6 17.93 19.91 0.04
CA PRO A 6 18.93 20.37 1.01
C PRO A 6 20.36 20.02 0.64
N ASP A 7 20.63 18.83 0.09
CA ASP A 7 22.00 18.49 -0.28
C ASP A 7 22.40 19.02 -1.65
N GLY A 8 21.48 19.64 -2.39
CA GLY A 8 21.80 20.22 -3.69
C GLY A 8 21.74 19.25 -4.86
N ASN A 9 21.54 17.95 -4.63
CA ASN A 9 21.64 17.00 -5.73
C ASN A 9 20.42 17.02 -6.65
N ILE A 10 19.25 17.32 -6.12
CA ILE A 10 18.04 17.47 -6.94
C ILE A 10 17.79 18.95 -7.13
N LYS A 11 17.61 19.35 -8.38
CA LYS A 11 17.40 20.76 -8.73
C LYS A 11 16.18 20.84 -9.65
N ILE A 12 15.20 21.66 -9.28
CA ILE A 12 13.98 21.87 -10.07
C ILE A 12 14.03 23.28 -10.63
N ILE A 13 13.82 23.40 -11.94
CA ILE A 13 13.70 24.69 -12.59
C ILE A 13 12.27 24.84 -13.07
N ILE A 14 11.61 25.92 -12.66
CA ILE A 14 10.24 26.22 -13.04
C ILE A 14 10.29 27.40 -14.00
N SER A 15 9.59 27.29 -15.12
CA SER A 15 9.78 28.20 -16.23
C SER A 15 8.44 28.67 -16.78
N ASP A 16 8.47 29.80 -17.49
CA ASP A 16 7.30 30.25 -18.24
C ASP A 16 7.65 30.56 -19.69
N GLU A 17 8.79 30.05 -20.17
CA GLU A 17 9.24 30.35 -21.52
C GLU A 17 8.57 29.47 -22.56
N GLN A 18 8.14 28.27 -22.16
CA GLN A 18 7.48 27.34 -23.06
C GLN A 18 6.04 27.79 -23.29
N SER A 19 5.31 27.03 -24.11
CA SER A 19 3.93 27.39 -24.41
C SER A 19 3.13 27.58 -23.13
N THR A 20 3.30 26.67 -22.17
CA THR A 20 2.72 26.82 -20.85
C THR A 20 3.82 26.96 -19.80
N PRO A 21 3.44 27.31 -18.57
CA PRO A 21 4.31 27.01 -17.43
C PRO A 21 4.85 25.59 -17.52
N SER A 22 6.07 25.39 -17.03
CA SER A 22 6.69 24.07 -17.11
C SER A 22 7.74 23.93 -16.02
N TYR A 23 8.14 22.69 -15.76
CA TYR A 23 9.24 22.43 -14.85
C TYR A 23 10.14 21.35 -15.44
N SER A 24 11.38 21.32 -14.98
CA SER A 24 12.32 20.26 -15.29
C SER A 24 13.15 19.97 -14.06
N ILE A 25 13.80 18.80 -14.04
CA ILE A 25 14.50 18.34 -12.85
C ILE A 25 15.83 17.72 -13.28
N SER A 26 16.91 18.11 -12.61
CA SER A 26 18.19 17.44 -12.76
C SER A 26 18.55 16.72 -11.48
N PHE A 27 19.35 15.66 -11.62
CA PHE A 27 19.87 14.89 -10.49
C PHE A 27 21.38 14.83 -10.68
N LYS A 28 22.13 15.33 -9.71
CA LYS A 28 23.58 15.47 -9.81
C LYS A 28 23.97 16.12 -11.14
N ASN A 29 23.23 17.16 -11.50
CA ASN A 29 23.49 18.01 -12.66
C ASN A 29 23.32 17.30 -13.99
N LYS A 30 22.60 16.19 -14.03
CA LYS A 30 22.14 15.60 -15.27
C LYS A 30 20.62 15.69 -15.32
N THR A 31 20.07 16.22 -16.40
CA THR A 31 18.62 16.30 -16.53
C THR A 31 18.00 14.91 -16.52
N VAL A 32 17.03 14.70 -15.63
CA VAL A 32 16.29 13.45 -15.62
C VAL A 32 14.83 13.66 -16.03
N ILE A 33 14.27 14.84 -15.80
CA ILE A 33 12.93 15.20 -16.25
C ILE A 33 13.06 16.43 -17.13
N ASN A 34 12.73 16.28 -18.41
CA ASN A 34 12.77 17.40 -19.34
C ASN A 34 11.62 18.35 -19.07
N ASN A 35 11.57 19.47 -19.81
CA ASN A 35 10.45 20.40 -19.73
C ASN A 35 9.12 19.66 -19.71
N SER A 36 8.33 19.89 -18.68
CA SER A 36 7.05 19.20 -18.47
C SER A 36 5.98 20.24 -18.18
N ALA A 37 4.86 20.15 -18.88
CA ALA A 37 3.83 21.17 -18.84
C ALA A 37 3.04 21.13 -17.53
N LEU A 38 2.40 22.27 -17.22
CA LEU A 38 1.52 22.44 -16.07
C LEU A 38 0.24 23.15 -16.50
N GLY A 39 -0.89 22.82 -15.87
CA GLY A 39 -2.12 23.55 -16.11
C GLY A 39 -3.35 22.66 -16.04
N PHE A 40 -4.49 23.23 -16.48
CA PHE A 40 -5.79 22.58 -16.47
C PHE A 40 -6.61 22.95 -17.68
N GLU A 41 -7.49 22.02 -18.08
CA GLU A 41 -8.65 22.34 -18.90
C GLU A 41 -9.92 21.99 -18.12
N PHE A 42 -10.98 22.75 -18.39
CA PHE A 42 -12.25 22.64 -17.67
C PHE A 42 -13.36 22.38 -18.68
N LYS A 43 -14.51 21.94 -18.18
CA LYS A 43 -15.62 21.67 -19.08
C LYS A 43 -16.13 22.96 -19.70
N GLN A 44 -16.30 24.00 -18.89
CA GLN A 44 -16.83 25.28 -19.36
CA GLN A 44 -16.83 25.27 -19.38
C GLN A 44 -15.87 26.43 -19.15
N HIS A 45 -15.21 26.49 -18.00
CA HIS A 45 -14.27 27.55 -17.70
C HIS A 45 -13.15 27.58 -18.75
N ALA A 46 -12.62 28.78 -19.01
CA ALA A 46 -11.48 28.89 -19.93
C ALA A 46 -10.26 28.19 -19.34
N PRO A 47 -9.38 27.63 -20.20
CA PRO A 47 -8.29 26.81 -19.69
C PRO A 47 -7.22 27.62 -18.96
N PHE A 48 -6.50 26.94 -18.06
CA PHE A 48 -5.28 27.47 -17.47
C PHE A 48 -4.14 26.79 -18.21
N SER A 49 -3.72 27.37 -19.34
CA SER A 49 -2.69 26.71 -20.14
C SER A 49 -1.64 27.71 -20.59
N ASN A 50 -1.73 28.21 -21.81
CA ASN A 50 -0.68 29.09 -22.30
C ASN A 50 -0.87 30.52 -21.80
N SER A 51 0.19 31.33 -21.97
CA SER A 51 0.22 32.77 -21.71
C SER A 51 0.26 33.13 -20.22
N PHE A 52 0.45 32.16 -19.34
CA PHE A 52 0.70 32.44 -17.94
C PHE A 52 2.18 32.74 -17.71
N LYS A 53 2.46 33.77 -16.94
CA LYS A 53 3.83 34.19 -16.64
C LYS A 53 4.07 34.16 -15.13
N ILE A 54 5.31 33.88 -14.74
CA ILE A 54 5.67 33.91 -13.33
C ILE A 54 5.74 35.36 -12.86
N THR A 55 5.00 35.66 -11.78
CA THR A 55 5.02 37.00 -11.20
C THR A 55 5.73 37.06 -9.86
N LYS A 56 5.86 35.92 -9.16
CA LYS A 56 6.35 35.94 -7.78
C LYS A 56 6.85 34.55 -7.42
N VAL A 57 7.92 34.49 -6.63
CA VAL A 57 8.35 33.25 -5.99
C VAL A 57 8.54 33.53 -4.51
N GLN A 58 8.15 32.57 -3.67
CA GLN A 58 8.29 32.68 -2.23
C GLN A 58 9.04 31.44 -1.74
N GLN A 59 10.23 31.66 -1.19
CA GLN A 59 11.10 30.57 -0.73
C GLN A 59 11.00 30.41 0.78
N GLN A 60 10.95 29.15 1.23
CA GLN A 60 11.03 28.84 2.65
C GLN A 60 11.61 27.43 2.77
N SER A 61 11.75 26.97 4.01
CA SER A 61 12.39 25.67 4.22
C SER A 61 11.94 25.09 5.54
N THR A 62 12.20 23.79 5.69
CA THR A 62 11.76 23.02 6.85
C THR A 62 12.88 22.11 7.29
N ASN A 63 13.07 22.00 8.60
CA ASN A 63 14.00 21.04 9.19
C ASN A 63 13.38 20.62 10.53
N THR A 64 12.52 19.60 10.48
CA THR A 64 11.77 19.20 11.66
C THR A 64 11.62 17.67 11.67
N GLN A 65 10.98 17.17 12.71
CA GLN A 65 10.71 15.74 12.82
C GLN A 65 9.42 15.55 13.61
N TRP A 66 8.79 14.40 13.41
CA TRP A 66 7.53 14.12 14.08
C TRP A 66 7.46 12.64 14.37
N GLN A 67 6.56 12.26 15.26
CA GLN A 67 6.45 10.88 15.71
C GLN A 67 5.16 10.24 15.21
N GLN A 68 5.26 9.00 14.70
CA GLN A 68 4.09 8.25 14.25
C GLN A 68 3.45 7.51 15.42
N PRO A 69 2.12 7.41 15.46
CA PRO A 69 1.49 6.54 16.47
C PRO A 69 1.83 5.07 16.28
N TRP A 70 1.98 4.64 15.03
CA TRP A 70 2.39 3.31 14.61
C TRP A 70 3.01 3.49 13.24
N GLY A 71 3.84 2.55 12.83
CA GLY A 71 4.43 2.67 11.51
C GLY A 71 5.63 1.78 11.33
N GLU A 72 6.31 2.03 10.20
CA GLU A 72 7.59 1.40 9.85
C GLU A 72 8.77 2.10 10.52
N ARG A 73 8.54 3.28 11.09
CA ARG A 73 9.55 3.94 11.91
C ARG A 73 8.84 4.88 12.86
N GLN A 74 9.44 5.07 14.03
CA GLN A 74 8.81 5.89 15.06
C GLN A 74 8.95 7.38 14.76
N THR A 75 10.14 7.81 14.35
CA THR A 75 10.44 9.22 14.11
C THR A 75 10.62 9.46 12.62
N VAL A 76 9.90 10.45 12.08
CA VAL A 76 10.00 10.81 10.67
C VAL A 76 10.65 12.17 10.58
N VAL A 77 11.75 12.26 9.84
CA VAL A 77 12.47 13.50 9.60
C VAL A 77 11.93 14.17 8.34
N ASP A 78 11.65 15.48 8.43
CA ASP A 78 11.15 16.29 7.31
C ASP A 78 12.16 17.41 7.08
N GLN A 79 12.98 17.27 6.04
CA GLN A 79 13.95 18.30 5.67
C GLN A 79 13.78 18.62 4.20
N HIS A 80 13.34 19.84 3.87
CA HIS A 80 13.13 20.17 2.47
C HIS A 80 13.25 21.68 2.28
N ASN A 81 13.55 22.06 1.05
CA ASN A 81 13.39 23.45 0.63
C ASN A 81 12.09 23.55 -0.15
N GLU A 82 11.47 24.73 -0.10
CA GLU A 82 10.12 24.90 -0.60
C GLU A 82 10.07 26.18 -1.41
N VAL A 83 9.37 26.15 -2.54
CA VAL A 83 9.11 27.39 -3.26
C VAL A 83 7.68 27.37 -3.77
N THR A 84 7.01 28.51 -3.64
CA THR A 84 5.68 28.71 -4.20
C THR A 84 5.83 29.67 -5.37
N VAL A 85 5.48 29.20 -6.56
CA VAL A 85 5.62 29.96 -7.79
C VAL A 85 4.24 30.41 -8.22
N THR A 86 4.05 31.72 -8.38
CA THR A 86 2.75 32.25 -8.77
C THR A 86 2.75 32.62 -10.25
N PHE A 87 1.74 32.15 -10.97
CA PHE A 87 1.56 32.42 -12.39
C PHE A 87 0.32 33.27 -12.60
N ALA A 88 0.39 34.17 -13.58
CA ALA A 88 -0.77 35.00 -13.90
C ALA A 88 -0.84 35.22 -15.39
N LYS A 89 -2.06 35.25 -15.90
CA LYS A 89 -2.38 35.56 -17.28
C LYS A 89 -3.35 36.74 -17.30
N PRO A 90 -3.08 37.78 -18.08
CA PRO A 90 -4.00 38.93 -18.11
C PRO A 90 -5.30 38.57 -18.81
N GLN A 91 -6.33 39.36 -18.51
CA GLN A 91 -7.60 39.22 -19.21
C GLN A 91 -7.40 39.67 -20.66
N PRO A 92 -8.26 39.19 -21.58
CA PRO A 92 -9.43 38.32 -21.39
C PRO A 92 -9.06 36.86 -21.13
N GLN A 93 -9.98 36.13 -20.50
CA GLN A 93 -9.76 34.73 -20.13
C GLN A 93 -8.45 34.59 -19.36
N GLY A 94 -8.22 35.54 -18.44
CA GLY A 94 -7.06 35.51 -17.59
C GLY A 94 -7.32 34.71 -16.32
N GLY A 95 -6.32 34.72 -15.44
CA GLY A 95 -6.42 33.97 -14.21
C GLY A 95 -5.09 33.96 -13.50
N THR A 96 -5.08 33.28 -12.36
CA THR A 96 -3.85 33.14 -11.60
C THR A 96 -3.92 31.82 -10.85
N TYR A 97 -2.77 31.16 -10.75
CA TYR A 97 -2.64 30.01 -9.88
C TYR A 97 -1.20 29.90 -9.44
N SER A 98 -0.97 29.14 -8.38
CA SER A 98 0.37 28.90 -7.89
C SER A 98 0.67 27.42 -7.89
N VAL A 99 1.95 27.08 -7.97
CA VAL A 99 2.41 25.72 -7.76
C VAL A 99 3.44 25.76 -6.63
N ARG A 100 3.25 24.90 -5.65
CA ARG A 100 4.16 24.81 -4.52
C ARG A 100 5.04 23.58 -4.72
N PHE A 101 6.35 23.77 -4.69
CA PHE A 101 7.31 22.67 -4.82
C PHE A 101 8.03 22.44 -3.50
N LYS A 102 8.19 21.18 -3.14
CA LYS A 102 8.99 20.78 -1.98
C LYS A 102 10.08 19.84 -2.48
N ALA A 103 11.34 20.21 -2.24
CA ALA A 103 12.50 19.44 -2.68
C ALA A 103 13.16 18.80 -1.48
N PHE A 104 13.10 17.48 -1.42
CA PHE A 104 13.79 16.64 -0.44
C PHE A 104 15.02 16.00 -1.06
N ASP A 105 15.93 15.51 -0.21
CA ASP A 105 17.06 14.79 -0.77
C ASP A 105 16.64 13.54 -1.51
N SER A 106 15.46 12.99 -1.22
CA SER A 106 15.00 11.75 -1.85
C SER A 106 13.96 11.98 -2.93
N GLY A 107 13.58 13.22 -3.24
CA GLY A 107 12.60 13.43 -4.28
C GLY A 107 11.90 14.75 -4.12
N VAL A 108 10.91 14.96 -4.99
CA VAL A 108 10.20 16.24 -5.04
C VAL A 108 8.70 15.99 -5.00
N GLY A 109 7.99 16.92 -4.39
CA GLY A 109 6.54 16.94 -4.48
C GLY A 109 6.09 18.30 -4.94
N PHE A 110 5.01 18.34 -5.72
CA PHE A 110 4.43 19.63 -6.09
C PHE A 110 2.91 19.52 -6.17
N ARG A 111 2.25 20.66 -5.97
CA ARG A 111 0.79 20.71 -6.09
C ARG A 111 0.39 22.09 -6.58
N TYR A 112 -0.77 22.15 -7.21
CA TYR A 112 -1.36 23.42 -7.60
C TYR A 112 -2.19 23.98 -6.47
N GLU A 113 -2.19 25.30 -6.35
CA GLU A 113 -3.04 26.02 -5.40
C GLU A 113 -3.71 27.12 -6.18
N VAL A 114 -5.00 26.95 -6.47
CA VAL A 114 -5.75 27.88 -7.29
C VAL A 114 -6.58 28.75 -6.36
N PRO A 115 -6.32 30.05 -6.29
CA PRO A 115 -7.00 30.90 -5.30
C PRO A 115 -8.36 31.36 -5.81
N LYS A 116 -9.15 31.87 -4.86
CA LYS A 116 -10.39 32.58 -5.19
C LYS A 116 -10.11 33.69 -6.19
N GLN A 117 -10.94 33.74 -7.23
CA GLN A 117 -10.79 34.77 -8.26
C GLN A 117 -12.10 34.89 -9.04
N ALA A 118 -12.32 36.08 -9.60
CA ALA A 118 -13.55 36.35 -10.32
C ALA A 118 -13.77 35.32 -11.43
N GLY A 119 -14.99 34.79 -11.49
CA GLY A 119 -15.34 33.83 -12.52
C GLY A 119 -14.97 32.40 -12.22
N LEU A 120 -14.34 32.11 -11.07
CA LEU A 120 -13.98 30.74 -10.71
C LEU A 120 -15.03 30.25 -9.71
N ASN A 121 -16.13 29.71 -10.24
CA ASN A 121 -17.23 29.32 -9.37
C ASN A 121 -17.33 27.80 -9.35
N ASN A 122 -18.47 27.25 -9.73
CA ASN A 122 -18.60 25.80 -9.82
C ASN A 122 -17.87 25.34 -11.07
N ILE A 123 -16.78 24.60 -10.89
CA ILE A 123 -15.97 24.22 -12.04
C ILE A 123 -15.87 22.71 -12.09
N GLU A 124 -15.57 22.21 -13.28
CA GLU A 124 -15.35 20.78 -13.50
C GLU A 124 -14.08 20.62 -14.32
N ILE A 125 -13.04 20.07 -13.71
CA ILE A 125 -11.80 19.80 -14.43
C ILE A 125 -12.03 18.64 -15.37
N THR A 126 -11.68 18.83 -16.63
CA THR A 126 -11.71 17.73 -17.58
C THR A 126 -10.33 17.20 -17.91
N LYS A 127 -9.28 17.98 -17.72
CA LYS A 127 -7.93 17.49 -17.93
C LYS A 127 -6.98 18.25 -17.03
N GLU A 128 -6.08 17.53 -16.38
CA GLU A 128 -4.94 18.14 -15.73
C GLU A 128 -3.75 17.98 -16.68
N LEU A 129 -3.10 19.10 -17.02
CA LEU A 129 -2.07 19.09 -18.08
C LEU A 129 -0.70 18.66 -17.58
N THR A 130 -0.55 18.42 -16.28
CA THR A 130 0.72 18.01 -15.68
C THR A 130 1.40 16.90 -16.49
N GLU A 131 2.67 17.11 -16.81
CA GLU A 131 3.48 16.09 -17.46
C GLU A 131 4.64 15.69 -16.58
N PHE A 132 5.19 14.51 -16.89
CA PHE A 132 6.47 14.03 -16.37
C PHE A 132 7.22 13.55 -17.61
N ALA A 133 8.03 14.44 -18.21
CA ALA A 133 8.71 14.11 -19.46
C ALA A 133 10.07 13.50 -19.12
N VAL A 134 10.20 12.20 -19.33
CA VAL A 134 11.42 11.51 -18.91
C VAL A 134 12.50 11.69 -19.97
N ASN A 135 13.67 12.16 -19.54
CA ASN A 135 14.80 12.33 -20.43
C ASN A 135 15.42 10.96 -20.76
N ASN A 136 15.85 10.80 -22.02
CA ASN A 136 16.44 9.55 -22.51
C ASN A 136 15.53 8.35 -22.25
N SER A 137 14.25 8.52 -22.57
CA SER A 137 13.27 7.46 -22.28
C SER A 137 13.50 6.23 -23.15
N HIS A 138 14.20 6.39 -24.28
CA HIS A 138 14.42 5.27 -25.17
C HIS A 138 15.36 4.21 -24.58
N THR A 139 16.13 4.54 -23.55
CA THR A 139 17.03 3.55 -22.94
C THR A 139 16.68 3.25 -21.49
N ALA A 140 15.51 3.68 -21.02
CA ALA A 140 15.05 3.44 -19.67
C ALA A 140 14.24 2.15 -19.60
N THR A 141 14.20 1.55 -18.40
CA THR A 141 13.48 0.31 -18.13
C THR A 141 12.43 0.57 -17.06
N ALA A 142 11.21 0.06 -17.25
CA ALA A 142 10.12 0.32 -16.32
C ALA A 142 9.51 -0.99 -15.83
N TRP A 143 8.95 -0.94 -14.62
CA TRP A 143 8.27 -2.07 -14.00
C TRP A 143 6.88 -1.58 -13.60
N TRP A 144 5.83 -2.08 -14.25
CA TRP A 144 4.55 -1.37 -14.16
C TRP A 144 3.36 -2.30 -14.31
N ILE A 145 2.21 -1.82 -13.85
CA ILE A 145 0.92 -2.48 -14.09
C ILE A 145 0.04 -1.55 -14.90
N PRO A 146 -0.81 -2.08 -15.77
CA PRO A 146 -1.67 -1.23 -16.59
C PRO A 146 -2.78 -0.61 -15.77
N ALA A 147 -3.16 0.60 -16.16
CA ALA A 147 -4.28 1.30 -15.56
C ALA A 147 -5.53 1.13 -16.41
N ARG A 148 -6.68 1.34 -15.76
CA ARG A 148 -8.01 1.32 -16.38
C ARG A 148 -8.39 -0.06 -16.90
N GLY A 149 -7.77 -1.11 -16.37
CA GLY A 149 -8.07 -2.47 -16.80
C GLY A 149 -9.18 -3.09 -15.98
N TRP A 150 -9.64 -4.24 -16.45
CA TRP A 150 -10.78 -4.88 -15.79
C TRP A 150 -10.45 -5.32 -14.37
N ASN A 151 -9.17 -5.56 -14.04
CA ASN A 151 -8.84 -6.06 -12.71
C ASN A 151 -8.18 -5.03 -11.79
N ARG A 152 -8.39 -3.72 -12.04
CA ARG A 152 -8.04 -2.66 -11.06
C ARG A 152 -6.54 -2.65 -10.84
N TYR A 153 -6.04 -2.73 -9.60
CA TYR A 153 -4.61 -2.76 -9.31
C TYR A 153 -4.06 -4.19 -9.29
N GLU A 154 -4.91 -5.20 -9.47
CA GLU A 154 -4.49 -6.58 -9.21
C GLU A 154 -3.96 -7.22 -10.50
N TYR A 155 -2.75 -6.80 -10.85
CA TYR A 155 -1.99 -7.31 -11.98
C TYR A 155 -0.58 -7.65 -11.54
N VAL A 156 0.04 -8.61 -12.23
CA VAL A 156 1.47 -8.81 -12.05
C VAL A 156 2.21 -7.73 -12.84
N TYR A 157 3.41 -7.39 -12.38
CA TYR A 157 4.16 -6.29 -12.96
C TYR A 157 4.84 -6.72 -14.27
N ASN A 158 4.79 -5.82 -15.26
CA ASN A 158 5.49 -5.97 -16.53
C ASN A 158 6.87 -5.37 -16.42
N THR A 159 7.85 -5.98 -17.10
CA THR A 159 9.22 -5.43 -17.20
C THR A 159 9.43 -5.10 -18.67
N THR A 160 9.49 -3.81 -19.01
CA THR A 160 9.56 -3.41 -20.42
C THR A 160 10.44 -2.18 -20.57
N PRO A 161 10.88 -1.87 -21.80
CA PRO A 161 11.36 -0.51 -22.08
C PRO A 161 10.31 0.52 -21.64
N LEU A 162 10.79 1.66 -21.13
CA LEU A 162 9.87 2.70 -20.67
C LEU A 162 8.89 3.15 -21.75
N ASN A 163 9.33 3.18 -23.02
CA ASN A 163 8.45 3.66 -24.08
C ASN A 163 7.29 2.72 -24.37
N ASP A 164 7.30 1.51 -23.79
CA ASP A 164 6.21 0.57 -23.94
C ASP A 164 5.15 0.70 -22.86
N ALA A 165 5.36 1.52 -21.84
CA ALA A 165 4.42 1.65 -20.72
C ALA A 165 3.38 2.69 -21.11
N ALA A 166 2.26 2.22 -21.71
CA ALA A 166 1.35 3.14 -22.38
C ALA A 166 0.42 3.87 -21.40
N LEU A 167 -0.15 3.14 -20.43
CA LEU A 167 -1.17 3.72 -19.56
C LEU A 167 -1.08 2.96 -18.25
N VAL A 168 -0.58 3.61 -17.19
CA VAL A 168 -0.07 2.87 -16.05
C VAL A 168 -0.58 3.47 -14.73
N HIS A 169 -0.69 2.60 -13.73
CA HIS A 169 -0.99 3.06 -12.38
C HIS A 169 0.27 3.53 -11.68
N THR A 170 0.10 4.28 -10.60
CA THR A 170 1.23 4.67 -9.76
C THR A 170 1.12 3.95 -8.41
N PRO A 171 2.25 3.76 -7.70
CA PRO A 171 3.64 4.19 -7.96
C PRO A 171 4.17 3.59 -9.24
N PHE A 172 4.73 4.43 -10.09
CA PHE A 172 5.25 4.05 -11.40
C PHE A 172 6.76 4.18 -11.34
N THR A 173 7.45 3.04 -11.35
CA THR A 173 8.87 2.97 -11.06
C THR A 173 9.66 2.56 -12.30
N PHE A 174 10.77 3.25 -12.54
CA PHE A 174 11.62 2.93 -13.67
C PHE A 174 13.06 3.36 -13.36
N LYS A 175 14.00 2.95 -14.20
CA LYS A 175 15.38 3.40 -14.07
C LYS A 175 15.88 3.88 -15.43
N ASN A 176 16.78 4.86 -15.41
CA ASN A 176 17.34 5.29 -16.67
C ASN A 176 18.65 4.54 -16.91
N GLN A 177 19.27 4.77 -18.07
CA GLN A 177 20.46 4.01 -18.42
C GLN A 177 21.62 4.26 -17.46
N ASP A 178 21.66 5.44 -16.83
CA ASP A 178 22.66 5.76 -15.81
C ASP A 178 22.50 4.96 -14.53
N GLY A 179 21.39 4.25 -14.36
CA GLY A 179 21.13 3.53 -13.13
C GLY A 179 20.33 4.31 -12.10
N VAL A 180 19.97 5.56 -12.40
CA VAL A 180 19.16 6.35 -11.50
C VAL A 180 17.74 5.79 -11.48
N HIS A 181 17.21 5.55 -10.29
CA HIS A 181 15.84 5.06 -10.16
C HIS A 181 14.90 6.21 -9.85
N ILE A 182 13.70 6.15 -10.44
CA ILE A 182 12.70 7.19 -10.33
C ILE A 182 11.35 6.53 -10.12
N SER A 183 10.50 7.11 -9.28
CA SER A 183 9.15 6.61 -9.14
C SER A 183 8.19 7.78 -9.00
N ILE A 184 7.11 7.74 -9.76
CA ILE A 184 6.11 8.80 -9.79
C ILE A 184 4.87 8.30 -9.06
N HIS A 185 4.34 9.14 -8.17
CA HIS A 185 3.16 8.75 -7.40
C HIS A 185 2.44 10.05 -7.00
N GLU A 186 1.59 9.98 -5.99
CA GLU A 186 0.94 11.18 -5.51
C GLU A 186 0.68 11.02 -4.01
N ALA A 187 0.40 12.15 -3.35
CA ALA A 187 0.23 12.13 -1.91
C ALA A 187 -0.97 12.98 -1.54
N ALA A 188 -1.67 12.55 -0.49
CA ALA A 188 -2.84 13.25 0.06
C ALA A 188 -3.93 13.41 -1.00
N LEU A 189 -4.37 12.27 -1.52
CA LEU A 189 -5.44 12.25 -2.53
C LEU A 189 -6.78 12.42 -1.82
N VAL A 190 -7.26 13.66 -1.77
CA VAL A 190 -8.46 14.03 -1.03
C VAL A 190 -9.36 14.86 -1.94
N ASP A 191 -10.63 14.45 -2.07
CA ASP A 191 -11.64 15.17 -2.86
C ASP A 191 -11.14 15.50 -4.27
N TYR A 192 -10.56 14.50 -4.91
CA TYR A 192 -9.96 14.67 -6.23
C TYR A 192 -9.91 13.30 -6.87
N ALA A 193 -9.67 13.28 -8.19
CA ALA A 193 -9.59 12.03 -8.94
C ALA A 193 -8.17 11.51 -8.94
N ALA A 194 -8.02 10.18 -8.85
CA ALA A 194 -6.67 9.61 -8.91
C ALA A 194 -6.01 9.90 -10.24
N MET A 195 -4.69 10.02 -10.20
CA MET A 195 -3.88 10.23 -11.39
C MET A 195 -3.40 8.89 -11.94
N VAL A 196 -3.70 8.64 -13.20
CA VAL A 196 -3.08 7.59 -14.00
C VAL A 196 -2.09 8.28 -14.94
N LEU A 197 -1.04 7.57 -15.37
CA LEU A 197 -0.04 8.18 -16.24
C LEU A 197 -0.24 7.66 -17.66
N ASN A 198 -0.36 8.58 -18.61
CA ASN A 198 -0.69 8.27 -20.00
C ASN A 198 0.47 8.76 -20.86
N GLN A 199 1.22 7.83 -21.45
CA GLN A 199 2.38 8.21 -22.26
C GLN A 199 1.89 8.80 -23.59
N ARG A 200 2.24 10.06 -23.85
CA ARG A 200 1.82 10.74 -25.06
C ARG A 200 2.95 10.63 -26.10
N ARG A 201 3.59 11.74 -26.47
CA ARG A 201 4.82 11.59 -27.23
C ARG A 201 5.82 10.80 -26.39
N PRO A 202 6.77 10.11 -27.03
CA PRO A 202 7.61 9.14 -26.31
C PRO A 202 8.28 9.76 -25.08
N GLY A 203 8.13 9.09 -23.94
CA GLY A 203 8.67 9.54 -22.68
C GLY A 203 7.88 10.62 -21.97
N VAL A 204 6.84 11.18 -22.58
CA VAL A 204 6.07 12.27 -21.98
C VAL A 204 4.84 11.65 -21.33
N PHE A 205 4.86 11.50 -20.01
CA PHE A 205 3.74 10.94 -19.28
C PHE A 205 2.82 12.07 -18.81
N GLN A 206 1.58 12.07 -19.28
CA GLN A 206 0.65 13.12 -18.94
C GLN A 206 -0.31 12.60 -17.88
N ALA A 207 -0.64 13.45 -16.90
CA ALA A 207 -1.66 13.11 -15.93
C ALA A 207 -2.96 12.79 -16.65
N ASP A 208 -3.58 11.67 -16.25
CA ASP A 208 -4.82 11.20 -16.84
C ASP A 208 -5.74 10.93 -15.66
N LEU A 209 -6.63 11.88 -15.34
CA LEU A 209 -7.43 11.81 -14.13
C LEU A 209 -8.60 10.83 -14.32
N THR A 210 -8.80 9.95 -13.36
CA THR A 210 -9.86 8.95 -13.51
C THR A 210 -11.22 9.63 -13.38
N PRO A 211 -12.10 9.53 -14.38
CA PRO A 211 -13.28 10.39 -14.44
C PRO A 211 -14.51 9.82 -13.74
N TRP A 212 -15.48 10.69 -13.50
CA TRP A 212 -16.86 10.29 -13.24
C TRP A 212 -17.48 9.62 -14.45
N SER A 213 -18.58 8.91 -14.23
CA SER A 213 -19.30 8.32 -15.36
C SER A 213 -19.80 9.38 -16.34
N SER A 214 -20.11 10.59 -15.85
CA SER A 214 -20.53 11.66 -16.72
C SER A 214 -19.43 12.16 -17.65
N GLY A 215 -18.16 11.85 -17.34
CA GLY A 215 -17.06 12.19 -18.20
C GLY A 215 -16.11 13.27 -17.66
N VAL A 216 -16.53 14.08 -16.70
CA VAL A 216 -15.61 15.06 -16.12
C VAL A 216 -14.76 14.38 -15.06
N ALA A 217 -13.63 15.00 -14.74
CA ALA A 217 -12.73 14.38 -13.77
C ALA A 217 -12.99 14.84 -12.34
N VAL A 218 -13.00 16.15 -12.08
CA VAL A 218 -13.05 16.67 -10.72
C VAL A 218 -14.03 17.83 -10.64
N LYS A 219 -14.96 17.75 -9.70
CA LYS A 219 -15.89 18.83 -9.40
C LYS A 219 -15.38 19.63 -8.21
N LYS A 220 -15.31 20.96 -8.37
CA LYS A 220 -14.88 21.84 -7.30
C LYS A 220 -15.77 23.08 -7.31
N GLN A 221 -15.88 23.70 -6.15
CA GLN A 221 -16.59 24.97 -6.02
C GLN A 221 -15.55 26.00 -5.59
N GLY A 222 -15.13 26.86 -6.50
CA GLY A 222 -14.23 27.94 -6.14
C GLY A 222 -12.80 27.49 -5.97
N ALA A 223 -12.07 28.19 -5.09
CA ALA A 223 -10.65 27.92 -4.88
C ALA A 223 -10.42 26.46 -4.52
N PHE A 224 -9.32 25.90 -5.03
CA PHE A 224 -9.04 24.49 -4.79
C PHE A 224 -7.55 24.25 -4.94
N ASN A 225 -7.09 23.16 -4.34
CA ASN A 225 -5.73 22.65 -4.51
C ASN A 225 -5.81 21.26 -5.13
N THR A 226 -4.72 20.80 -5.74
CA THR A 226 -4.63 19.40 -6.12
C THR A 226 -3.94 18.60 -5.04
N PRO A 227 -4.01 17.27 -5.10
CA PRO A 227 -3.07 16.45 -4.34
C PRO A 227 -1.65 16.75 -4.79
N TRP A 228 -0.69 16.29 -3.98
CA TRP A 228 0.72 16.39 -4.38
C TRP A 228 1.03 15.38 -5.48
N ARG A 229 1.83 15.79 -6.44
CA ARG A 229 2.46 14.89 -7.41
C ARG A 229 3.89 14.66 -6.94
N THR A 230 4.32 13.40 -6.89
CA THR A 230 5.61 13.08 -6.27
C THR A 230 6.52 12.38 -7.26
N ILE A 231 7.79 12.76 -7.23
CA ILE A 231 8.82 12.18 -8.09
C ILE A 231 9.97 11.81 -7.17
N GLN A 232 10.07 10.52 -6.82
CA GLN A 232 11.20 10.03 -6.04
C GLN A 232 12.36 9.77 -6.98
N ILE A 233 13.57 10.11 -6.53
CA ILE A 233 14.77 9.99 -7.35
C ILE A 233 15.88 9.49 -6.43
N GLY A 234 16.55 8.42 -6.83
CA GLY A 234 17.66 7.92 -6.03
C GLY A 234 18.70 7.24 -6.89
N GLU A 235 19.93 7.21 -6.40
CA GLU A 235 20.99 6.51 -7.12
CA GLU A 235 20.96 6.52 -7.16
C GLU A 235 20.79 5.01 -7.11
N LYS A 236 20.09 4.48 -6.10
CA LYS A 236 19.88 3.04 -5.93
C LYS A 236 18.41 2.75 -5.73
N ALA A 237 18.01 1.51 -6.06
CA ALA A 237 16.62 1.11 -5.86
C ALA A 237 16.20 1.27 -4.40
N VAL A 238 17.06 0.91 -3.45
CA VAL A 238 16.63 1.00 -2.05
C VAL A 238 16.48 2.44 -1.60
N ASP A 239 17.07 3.42 -2.31
CA ASP A 239 16.85 4.81 -1.94
C ASP A 239 15.39 5.22 -2.13
N LEU A 240 14.70 4.62 -3.11
CA LEU A 240 13.25 4.83 -3.21
C LEU A 240 12.53 4.27 -1.99
N VAL A 241 12.93 3.08 -1.55
CA VAL A 241 12.22 2.43 -0.45
C VAL A 241 12.37 3.22 0.85
N ASN A 242 13.58 3.72 1.14
CA ASN A 242 13.91 4.32 2.43
C ASN A 242 13.47 5.79 2.55
N SER A 243 12.61 6.29 1.68
CA SER A 243 12.16 7.66 1.74
C SER A 243 10.85 7.77 2.52
N ASP A 244 10.68 8.87 3.24
CA ASP A 244 9.44 9.18 3.94
C ASP A 244 8.63 10.25 3.21
N ILE A 245 8.89 10.47 1.92
CA ILE A 245 8.32 11.64 1.27
C ILE A 245 6.79 11.58 1.25
N ILE A 246 6.22 10.39 1.04
CA ILE A 246 4.76 10.28 0.94
C ILE A 246 4.11 10.70 2.27
N LEU A 247 4.58 10.15 3.38
CA LEU A 247 4.06 10.58 4.68
C LEU A 247 4.31 12.07 4.92
N ASN A 248 5.50 12.56 4.58
CA ASN A 248 5.81 13.95 4.88
C ASN A 248 4.93 14.92 4.12
N LEU A 249 4.32 14.50 3.02
CA LEU A 249 3.47 15.40 2.26
C LEU A 249 2.01 15.39 2.74
N ASN A 250 1.67 14.56 3.71
CA ASN A 250 0.31 14.54 4.22
C ASN A 250 0.14 15.44 5.45
N GLU A 251 -1.10 15.83 5.71
N GLU A 251 -1.10 15.83 5.71
CA GLU A 251 -1.39 16.66 6.86
CA GLU A 251 -1.38 16.68 6.86
C GLU A 251 -1.24 15.85 8.15
C GLU A 251 -1.27 15.86 8.15
N PRO A 252 -0.89 16.51 9.26
CA PRO A 252 -0.79 15.80 10.54
C PRO A 252 -2.10 15.17 10.99
N ASN A 253 -1.97 14.12 11.81
CA ASN A 253 -3.06 13.40 12.44
C ASN A 253 -4.21 14.32 12.86
N LYS A 254 -5.41 14.02 12.37
CA LYS A 254 -6.61 14.77 12.71
C LYS A 254 -7.50 14.04 13.72
N LEU A 255 -7.14 12.83 14.15
CA LEU A 255 -8.01 12.03 15.00
C LEU A 255 -7.65 12.08 16.48
N GLY A 256 -6.67 12.92 16.85
CA GLY A 256 -6.33 13.04 18.28
C GLY A 256 -5.69 11.78 18.82
N ASP A 257 -6.14 11.34 19.99
CA ASP A 257 -5.61 10.14 20.64
C ASP A 257 -6.05 8.91 19.84
N VAL A 258 -5.08 8.22 19.24
CA VAL A 258 -5.42 7.05 18.44
C VAL A 258 -4.80 5.80 19.06
N SER A 259 -4.64 5.81 20.39
CA SER A 259 -4.15 4.61 21.08
C SER A 259 -5.09 3.43 20.94
N TRP A 260 -6.33 3.65 20.51
CA TRP A 260 -7.25 2.56 20.23
C TRP A 260 -6.94 1.84 18.92
N VAL A 261 -6.03 2.34 18.11
CA VAL A 261 -5.55 1.63 16.92
C VAL A 261 -4.41 0.71 17.35
N LYS A 262 -4.59 -0.59 17.15
CA LYS A 262 -3.65 -1.59 17.69
C LYS A 262 -3.00 -2.40 16.57
N PRO A 263 -1.71 -2.18 16.27
CA PRO A 263 -1.00 -3.08 15.37
C PRO A 263 -0.95 -4.48 15.97
N GLY A 264 -0.98 -5.49 15.13
CA GLY A 264 -0.89 -6.85 15.64
C GLY A 264 -1.04 -7.87 14.55
N LYS A 265 -1.09 -9.14 14.96
CA LYS A 265 -1.22 -10.25 14.02
C LYS A 265 -2.59 -10.89 14.17
N TYR A 266 -3.10 -11.45 13.07
CA TYR A 266 -4.43 -12.04 13.10
C TYR A 266 -4.44 -13.30 12.25
N ILE A 267 -5.47 -14.11 12.47
CA ILE A 267 -5.73 -15.27 11.64
C ILE A 267 -7.15 -15.13 11.11
N GLY A 268 -7.63 -16.10 10.35
CA GLY A 268 -8.96 -15.91 9.86
C GLY A 268 -9.61 -17.11 9.22
N ILE A 269 -10.93 -17.18 9.31
CA ILE A 269 -11.74 -18.06 8.50
C ILE A 269 -11.81 -17.40 7.14
N TRP A 270 -10.99 -17.87 6.21
CA TRP A 270 -10.68 -17.08 5.02
C TRP A 270 -10.04 -17.95 3.96
N TRP A 271 -8.83 -18.44 4.21
CA TRP A 271 -8.11 -19.23 3.21
C TRP A 271 -8.89 -20.49 2.84
N GLY A 272 -9.60 -21.07 3.81
CA GLY A 272 -10.40 -22.25 3.52
C GLY A 272 -11.40 -22.03 2.40
N MET A 273 -11.98 -20.83 2.32
CA MET A 273 -12.89 -20.54 1.22
C MET A 273 -12.13 -20.37 -0.09
N HIS A 274 -10.93 -19.78 -0.04
CA HIS A 274 -10.17 -19.60 -1.27
C HIS A 274 -9.63 -20.92 -1.83
N ILE A 275 -9.37 -21.91 -0.97
CA ILE A 275 -8.94 -23.22 -1.48
C ILE A 275 -10.08 -24.22 -1.47
N ASN A 276 -11.31 -23.77 -1.25
CA ASN A 276 -12.53 -24.55 -1.44
C ASN A 276 -12.70 -25.66 -0.41
N THR A 277 -12.15 -25.52 0.79
CA THR A 277 -12.56 -26.44 1.85
C THR A 277 -13.79 -25.95 2.59
N HIS A 278 -14.13 -24.66 2.46
CA HIS A 278 -15.32 -24.08 3.04
C HIS A 278 -15.97 -23.18 2.00
N THR A 279 -17.21 -22.79 2.27
CA THR A 279 -17.94 -21.83 1.43
C THR A 279 -18.18 -20.54 2.20
N TRP A 280 -18.32 -19.43 1.47
CA TRP A 280 -18.78 -18.20 2.11
C TRP A 280 -20.27 -18.28 2.41
N GLY A 281 -21.05 -18.88 1.50
CA GLY A 281 -22.48 -19.03 1.70
C GLY A 281 -22.83 -20.17 2.63
N SER A 282 -24.11 -20.24 2.96
CA SER A 282 -24.61 -21.20 3.93
C SER A 282 -24.55 -22.62 3.38
N GLY A 283 -24.55 -23.60 4.29
CA GLY A 283 -24.61 -24.98 3.90
C GLY A 283 -23.65 -25.81 4.72
N ASP A 284 -23.46 -27.07 4.27
CA ASP A 284 -22.67 -28.05 5.02
C ASP A 284 -21.22 -27.62 5.20
N LYS A 285 -20.69 -26.78 4.31
CA LYS A 285 -19.29 -26.37 4.39
C LYS A 285 -19.12 -24.90 4.76
N HIS A 286 -20.17 -24.26 5.27
CA HIS A 286 -20.09 -22.84 5.62
C HIS A 286 -18.92 -22.58 6.57
N GLY A 287 -18.07 -21.62 6.21
CA GLY A 287 -16.94 -21.33 7.06
C GLY A 287 -17.32 -20.60 8.33
N ALA A 288 -18.20 -19.60 8.22
CA ALA A 288 -18.49 -18.65 9.30
C ALA A 288 -19.59 -19.21 10.20
N THR A 289 -19.20 -20.13 11.08
CA THR A 289 -20.09 -20.66 12.09
C THR A 289 -19.55 -20.33 13.48
N THR A 290 -20.45 -20.34 14.47
CA THR A 290 -20.04 -20.11 15.85
C THR A 290 -18.95 -21.11 16.26
N LYS A 291 -19.16 -22.38 15.95
CA LYS A 291 -18.22 -23.42 16.33
C LYS A 291 -16.85 -23.18 15.70
N ASN A 292 -16.82 -22.90 14.39
N ASN A 292 -16.83 -22.88 14.40
CA ASN A 292 -15.55 -22.65 13.73
CA ASN A 292 -15.56 -22.66 13.72
C ASN A 292 -14.86 -21.41 14.29
C ASN A 292 -14.87 -21.40 14.25
N THR A 293 -15.63 -20.36 14.54
CA THR A 293 -15.03 -19.11 15.02
C THR A 293 -14.42 -19.30 16.39
N LYS A 294 -15.09 -20.04 17.28
CA LYS A 294 -14.53 -20.32 18.60
C LYS A 294 -13.27 -21.18 18.50
N TYR A 295 -13.24 -22.11 17.55
CA TYR A 295 -12.04 -22.91 17.34
C TYR A 295 -10.85 -22.04 16.92
N TYR A 296 -11.08 -21.09 16.00
CA TYR A 296 -10.02 -20.16 15.63
C TYR A 296 -9.63 -19.26 16.79
N MET A 297 -10.60 -18.80 17.59
CA MET A 297 -10.29 -17.93 18.71
C MET A 297 -9.44 -18.65 19.75
N ASP A 298 -9.73 -19.93 20.01
CA ASP A 298 -8.91 -20.72 20.92
C ASP A 298 -7.47 -20.80 20.41
N PHE A 299 -7.30 -21.06 19.12
CA PHE A 299 -5.97 -21.13 18.52
C PHE A 299 -5.26 -19.79 18.64
N ALA A 300 -5.96 -18.70 18.30
CA ALA A 300 -5.38 -17.37 18.43
C ALA A 300 -4.92 -17.07 19.85
N ALA A 301 -5.75 -17.39 20.83
CA ALA A 301 -5.38 -17.15 22.23
C ALA A 301 -4.17 -17.99 22.64
N LYS A 302 -4.09 -19.22 22.15
CA LYS A 302 -2.99 -20.09 22.55
C LYS A 302 -1.67 -19.63 21.92
N TYR A 303 -1.70 -19.13 20.68
CA TYR A 303 -0.48 -18.90 19.94
C TYR A 303 -0.15 -17.42 19.76
N GLY A 304 -0.91 -16.51 20.38
CA GLY A 304 -0.53 -15.12 20.42
C GLY A 304 -1.00 -14.26 19.26
N PHE A 305 -2.24 -14.46 18.80
CA PHE A 305 -2.82 -13.64 17.75
C PHE A 305 -3.93 -12.79 18.33
N ASP A 306 -4.02 -11.54 17.87
CA ASP A 306 -4.94 -10.57 18.49
C ASP A 306 -6.39 -10.74 18.03
N GLY A 307 -6.61 -11.27 16.83
CA GLY A 307 -7.96 -11.27 16.28
C GLY A 307 -8.17 -12.38 15.29
N VAL A 308 -9.45 -12.66 15.01
CA VAL A 308 -9.88 -13.63 14.01
C VAL A 308 -10.80 -12.92 13.03
N LEU A 309 -10.35 -12.79 11.78
CA LEU A 309 -11.22 -12.38 10.68
C LEU A 309 -12.19 -13.50 10.31
N VAL A 310 -13.45 -13.16 10.10
CA VAL A 310 -14.43 -14.14 9.63
C VAL A 310 -15.18 -13.57 8.44
N GLU A 311 -15.06 -14.21 7.28
CA GLU A 311 -15.82 -13.82 6.10
C GLU A 311 -16.99 -14.78 5.89
N GLY A 312 -18.09 -14.25 5.36
CA GLY A 312 -19.28 -15.04 5.18
C GLY A 312 -20.21 -15.11 6.37
N TRP A 313 -20.09 -14.16 7.31
CA TRP A 313 -20.91 -14.20 8.53
C TRP A 313 -22.30 -13.62 8.30
N ASN A 314 -22.44 -12.73 7.33
CA ASN A 314 -23.64 -11.93 7.10
C ASN A 314 -24.42 -12.47 5.90
N THR A 315 -25.74 -12.32 5.91
CA THR A 315 -26.53 -12.86 4.83
C THR A 315 -26.23 -12.15 3.51
N GLY A 316 -26.33 -12.92 2.43
CA GLY A 316 -26.11 -12.40 1.09
C GLY A 316 -25.04 -13.11 0.29
N TRP A 317 -24.30 -14.06 0.87
CA TRP A 317 -23.25 -14.74 0.14
C TRP A 317 -23.74 -15.93 -0.68
N ASP A 318 -24.97 -16.41 -0.47
CA ASP A 318 -25.42 -17.62 -1.16
C ASP A 318 -25.45 -17.42 -2.66
N GLY A 319 -25.03 -18.44 -3.39
CA GLY A 319 -25.01 -18.39 -4.85
C GLY A 319 -23.62 -18.04 -5.37
N ASP A 320 -23.54 -16.99 -6.18
CA ASP A 320 -22.27 -16.48 -6.67
C ASP A 320 -22.13 -15.07 -6.11
N TRP A 321 -21.33 -14.93 -5.05
CA TRP A 321 -21.35 -13.68 -4.30
C TRP A 321 -20.82 -12.50 -5.11
N PHE A 322 -20.04 -12.74 -6.18
CA PHE A 322 -19.64 -11.67 -7.08
C PHE A 322 -20.83 -10.85 -7.58
N PHE A 323 -21.99 -11.48 -7.76
CA PHE A 323 -23.18 -10.82 -8.29
C PHE A 323 -24.16 -10.38 -7.22
N ASN A 324 -23.79 -10.46 -5.95
CA ASN A 324 -24.74 -10.27 -4.86
C ASN A 324 -24.64 -8.91 -4.18
N GLY A 325 -23.98 -7.93 -4.82
CA GLY A 325 -23.79 -6.63 -4.18
C GLY A 325 -25.08 -5.96 -3.73
N ASP A 326 -26.19 -6.19 -4.45
CA ASP A 326 -27.45 -5.55 -4.09
C ASP A 326 -28.07 -6.13 -2.82
N VAL A 327 -27.69 -7.34 -2.41
CA VAL A 327 -28.49 -8.05 -1.40
C VAL A 327 -27.74 -8.27 -0.09
N PHE A 328 -26.45 -7.92 -0.01
CA PHE A 328 -25.72 -8.08 1.25
C PHE A 328 -26.41 -7.30 2.37
N SER A 329 -26.59 -7.94 3.53
CA SER A 329 -26.89 -7.23 4.76
C SER A 329 -25.60 -7.05 5.55
N PHE A 330 -25.42 -5.86 6.12
CA PHE A 330 -24.27 -5.60 6.97
C PHE A 330 -24.64 -5.54 8.44
N THR A 331 -25.85 -6.00 8.79
CA THR A 331 -26.25 -6.17 10.18
C THR A 331 -26.80 -7.55 10.51
N GLN A 332 -27.24 -8.34 9.53
CA GLN A 332 -27.94 -9.58 9.82
C GLN A 332 -27.02 -10.78 9.62
N PRO A 333 -26.59 -11.46 10.67
CA PRO A 333 -25.79 -12.67 10.48
C PRO A 333 -26.63 -13.84 9.99
N TYR A 334 -25.96 -14.77 9.31
CA TYR A 334 -26.55 -16.09 9.11
C TYR A 334 -26.95 -16.70 10.45
N ASP A 335 -27.92 -17.62 10.39
CA ASP A 335 -28.44 -18.24 11.60
C ASP A 335 -27.40 -19.08 12.33
N ASP A 336 -26.32 -19.49 11.66
CA ASP A 336 -25.31 -20.32 12.31
C ASP A 336 -24.12 -19.51 12.82
N PHE A 337 -24.24 -18.18 12.85
CA PHE A 337 -23.18 -17.29 13.35
C PHE A 337 -23.80 -16.45 14.47
N ASP A 338 -23.52 -16.83 15.72
CA ASP A 338 -24.13 -16.21 16.89
C ASP A 338 -23.22 -15.08 17.37
N ILE A 339 -23.50 -13.86 16.91
CA ILE A 339 -22.54 -12.79 17.16
C ILE A 339 -22.53 -12.39 18.64
N ALA A 340 -23.66 -12.53 19.33
CA ALA A 340 -23.69 -12.24 20.76
C ALA A 340 -22.85 -13.24 21.54
N ALA A 341 -22.93 -14.52 21.18
CA ALA A 341 -22.11 -15.52 21.84
C ALA A 341 -20.63 -15.29 21.55
N LEU A 342 -20.30 -14.91 20.30
CA LEU A 342 -18.91 -14.66 19.95
C LEU A 342 -18.37 -13.40 20.62
N THR A 343 -19.24 -12.40 20.84
CA THR A 343 -18.83 -11.24 21.62
C THR A 343 -18.46 -11.65 23.04
N LYS A 344 -19.26 -12.52 23.66
CA LYS A 344 -18.92 -13.03 24.98
C LYS A 344 -17.62 -13.81 24.95
N TYR A 345 -17.44 -14.66 23.93
CA TYR A 345 -16.24 -15.46 23.84
C TYR A 345 -14.99 -14.61 23.59
N SER A 346 -15.14 -13.50 22.86
CA SER A 346 -13.99 -12.63 22.63
C SER A 346 -13.49 -12.03 23.93
N LYS A 347 -14.41 -11.68 24.83
CA LYS A 347 -14.01 -11.16 26.14
C LYS A 347 -13.40 -12.24 27.01
N GLN A 348 -13.90 -13.46 26.92
N GLN A 348 -13.88 -13.48 26.89
CA GLN A 348 -13.31 -14.54 27.72
CA GLN A 348 -13.35 -14.57 27.71
C GLN A 348 -11.90 -14.86 27.25
C GLN A 348 -11.95 -14.99 27.26
N THR A 349 -11.70 -14.99 25.95
CA THR A 349 -10.41 -15.39 25.40
C THR A 349 -9.43 -14.24 25.22
N GLY A 350 -9.89 -12.99 25.22
CA GLY A 350 -9.04 -11.88 24.84
C GLY A 350 -8.73 -11.78 23.36
N VAL A 351 -9.35 -12.60 22.51
CA VAL A 351 -9.15 -12.55 21.07
C VAL A 351 -10.33 -11.82 20.46
N GLN A 352 -10.06 -10.84 19.62
CA GLN A 352 -11.18 -10.08 19.07
C GLN A 352 -11.67 -10.67 17.76
N LEU A 353 -12.95 -10.48 17.49
CA LEU A 353 -13.47 -10.71 16.16
C LEU A 353 -13.10 -9.55 15.26
N ILE A 354 -12.61 -9.85 14.06
CA ILE A 354 -12.30 -8.84 13.06
C ILE A 354 -13.44 -8.85 12.05
N GLY A 355 -14.06 -7.68 11.83
CA GLY A 355 -15.25 -7.59 11.03
C GLY A 355 -14.96 -7.63 9.55
N HIS A 356 -16.02 -7.83 8.76
CA HIS A 356 -15.85 -7.95 7.31
C HIS A 356 -17.07 -7.40 6.60
N HIS A 357 -16.83 -6.46 5.69
CA HIS A 357 -17.86 -5.78 4.91
C HIS A 357 -17.50 -5.87 3.43
N GLU A 358 -17.90 -6.94 2.75
CA GLU A 358 -17.74 -7.04 1.31
C GLU A 358 -18.96 -6.42 0.63
N THR A 359 -18.73 -5.51 -0.32
CA THR A 359 -19.83 -4.85 -1.02
C THR A 359 -20.10 -5.44 -2.40
N SER A 360 -19.18 -6.23 -2.95
CA SER A 360 -19.25 -6.63 -4.36
C SER A 360 -19.53 -5.43 -5.26
N GLY A 361 -18.95 -4.27 -4.88
CA GLY A 361 -19.02 -3.09 -5.71
C GLY A 361 -20.23 -2.20 -5.51
N ASN A 362 -21.25 -2.65 -4.77
CA ASN A 362 -22.44 -1.81 -4.64
C ASN A 362 -22.24 -0.95 -3.39
N VAL A 363 -21.76 0.28 -3.60
CA VAL A 363 -21.42 1.12 -2.46
C VAL A 363 -22.65 1.83 -1.89
N SER A 364 -23.75 1.91 -2.63
CA SER A 364 -24.94 2.54 -2.09
C SER A 364 -25.66 1.62 -1.12
N ASN A 365 -25.72 0.33 -1.43
CA ASN A 365 -26.27 -0.64 -0.50
C ASN A 365 -25.47 -0.67 0.80
N TYR A 366 -24.14 -0.50 0.70
CA TYR A 366 -23.30 -0.43 1.89
C TYR A 366 -23.53 0.87 2.64
N ARG A 367 -23.51 1.99 1.91
CA ARG A 367 -23.63 3.30 2.54
C ARG A 367 -24.93 3.43 3.34
N LYS A 368 -26.04 2.91 2.80
CA LYS A 368 -27.29 3.06 3.52
C LYS A 368 -27.31 2.25 4.82
N GLN A 369 -26.50 1.22 4.93
CA GLN A 369 -26.45 0.36 6.12
C GLN A 369 -25.26 0.64 7.03
N MET A 370 -24.37 1.54 6.62
CA MET A 370 -23.05 1.65 7.25
C MET A 370 -23.13 2.08 8.71
N ALA A 371 -23.98 3.05 9.02
CA ALA A 371 -24.10 3.50 10.41
C ALA A 371 -24.56 2.36 11.31
N ASP A 372 -25.61 1.64 10.90
CA ASP A 372 -26.08 0.49 11.68
C ASP A 372 -25.01 -0.59 11.78
N ALA A 373 -24.23 -0.79 10.71
CA ALA A 373 -23.22 -1.84 10.70
C ALA A 373 -22.09 -1.55 11.68
N PHE A 374 -21.63 -0.30 11.72
CA PHE A 374 -20.56 0.04 12.67
C PHE A 374 -21.09 0.10 14.10
N ALA A 375 -22.34 0.51 14.29
CA ALA A 375 -22.92 0.45 15.62
C ALA A 375 -22.96 -0.99 16.13
N LEU A 376 -23.36 -1.93 15.28
CA LEU A 376 -23.37 -3.34 15.68
C LEU A 376 -21.97 -3.79 16.08
N TYR A 377 -20.97 -3.43 15.28
CA TYR A 377 -19.60 -3.86 15.55
C TYR A 377 -19.06 -3.21 16.81
N GLU A 378 -19.33 -1.92 17.03
CA GLU A 378 -18.91 -1.29 18.28
C GLU A 378 -19.55 -1.99 19.47
N LYS A 379 -20.86 -2.26 19.37
CA LYS A 379 -21.56 -3.00 20.41
C LYS A 379 -20.95 -4.39 20.61
N SER A 380 -20.36 -4.97 19.56
CA SER A 380 -19.84 -6.33 19.62
C SER A 380 -18.34 -6.38 19.90
N ASN A 381 -17.73 -5.27 20.35
CA ASN A 381 -16.31 -5.29 20.73
C ASN A 381 -15.42 -5.58 19.52
N VAL A 382 -15.83 -5.13 18.33
CA VAL A 382 -15.04 -5.28 17.10
C VAL A 382 -14.29 -3.97 16.88
N SER A 383 -12.96 -4.05 16.74
CA SER A 383 -12.10 -2.88 16.61
C SER A 383 -11.48 -2.71 15.23
N GLN A 384 -11.51 -3.74 14.38
CA GLN A 384 -10.93 -3.67 13.06
C GLN A 384 -11.91 -4.30 12.08
N VAL A 385 -12.05 -3.70 10.89
CA VAL A 385 -12.95 -4.21 9.86
C VAL A 385 -12.20 -4.25 8.53
N LYS A 386 -12.27 -5.39 7.84
CA LYS A 386 -11.79 -5.53 6.47
C LYS A 386 -12.95 -5.24 5.53
N THR A 387 -12.78 -4.28 4.63
CA THR A 387 -13.82 -3.95 3.66
C THR A 387 -13.41 -4.48 2.29
N GLY A 388 -14.37 -4.52 1.39
CA GLY A 388 -14.14 -5.10 0.07
C GLY A 388 -15.04 -4.49 -0.97
N TYR A 389 -14.52 -4.37 -2.20
CA TYR A 389 -15.24 -3.74 -3.29
C TYR A 389 -15.03 -4.52 -4.58
N VAL A 390 -15.35 -5.82 -4.55
CA VAL A 390 -15.03 -6.70 -5.67
C VAL A 390 -15.98 -6.40 -6.82
N ALA A 391 -15.45 -5.86 -7.91
CA ALA A 391 -16.18 -5.59 -9.14
C ALA A 391 -15.14 -5.22 -10.19
N ASP A 392 -15.46 -5.44 -11.45
CA ASP A 392 -14.49 -5.12 -12.50
C ASP A 392 -14.20 -3.62 -12.52
N GLY A 393 -13.06 -3.27 -13.10
CA GLY A 393 -12.71 -1.86 -13.30
C GLY A 393 -13.84 -1.05 -13.92
N GLY A 394 -14.13 0.11 -13.34
CA GLY A 394 -15.20 0.95 -13.85
C GLY A 394 -16.60 0.46 -13.52
N ASN A 395 -16.75 -0.56 -12.67
CA ASN A 395 -18.06 -1.11 -12.38
C ASN A 395 -18.46 -1.02 -10.91
N ILE A 396 -17.90 -0.06 -10.16
CA ILE A 396 -18.56 0.35 -8.93
C ILE A 396 -19.99 0.74 -9.27
N LYS A 397 -20.94 0.30 -8.45
CA LYS A 397 -22.35 0.64 -8.65
C LYS A 397 -22.79 1.58 -7.55
N ARG A 398 -23.32 2.74 -7.92
CA ARG A 398 -23.98 3.65 -7.00
C ARG A 398 -25.37 3.96 -7.53
N ILE A 399 -26.28 4.34 -6.63
CA ILE A 399 -27.61 4.79 -6.98
C ILE A 399 -27.62 6.31 -6.78
N ASP A 400 -27.96 7.06 -7.83
CA ASP A 400 -27.89 8.51 -7.69
C ASP A 400 -29.14 9.04 -6.98
N LYS A 401 -29.19 10.37 -6.80
CA LYS A 401 -30.26 10.96 -6.01
C LYS A 401 -31.64 10.75 -6.64
N ASN A 402 -31.69 10.44 -7.93
CA ASN A 402 -32.96 10.16 -8.59
C ASN A 402 -33.25 8.67 -8.70
N GLY A 403 -32.52 7.84 -7.96
CA GLY A 403 -32.75 6.41 -7.99
C GLY A 403 -32.19 5.69 -9.19
N ILE A 404 -31.31 6.31 -9.95
CA ILE A 404 -30.78 5.70 -11.18
C ILE A 404 -29.39 5.15 -10.89
N ALA A 405 -29.15 3.91 -11.33
CA ALA A 405 -27.84 3.31 -11.16
C ALA A 405 -26.81 3.93 -12.10
N ARG A 406 -25.61 4.15 -11.57
CA ARG A 406 -24.46 4.63 -12.34
C ARG A 406 -23.26 3.74 -12.03
N HIS A 407 -22.38 3.60 -13.00
CA HIS A 407 -21.11 2.88 -12.81
C HIS A 407 -19.97 3.87 -12.66
N GLU A 408 -19.11 3.63 -11.67
CA GLU A 408 -17.98 4.50 -11.40
C GLU A 408 -16.69 3.68 -11.31
N TRP A 409 -15.56 4.38 -11.37
CA TRP A 409 -14.26 3.78 -11.13
C TRP A 409 -13.96 3.75 -9.65
N HIS A 410 -13.19 2.73 -9.22
CA HIS A 410 -12.70 2.68 -7.86
C HIS A 410 -11.82 3.87 -7.50
N ASP A 411 -11.20 4.53 -8.50
CA ASP A 411 -10.23 5.59 -8.20
C ASP A 411 -10.66 6.96 -8.73
N GLY A 412 -11.95 7.15 -9.03
CA GLY A 412 -12.43 8.49 -9.34
C GLY A 412 -12.70 9.30 -8.07
N GLN A 413 -12.99 10.60 -8.26
CA GLN A 413 -13.31 11.47 -7.13
C GLN A 413 -14.46 10.92 -6.29
N PHE A 414 -15.49 10.36 -6.93
CA PHE A 414 -16.61 9.83 -6.17
C PHE A 414 -16.14 8.78 -5.15
N MET A 415 -15.36 7.79 -5.60
CA MET A 415 -14.94 6.73 -4.68
C MET A 415 -13.86 7.19 -3.72
N VAL A 416 -12.96 8.08 -4.18
CA VAL A 416 -11.99 8.67 -3.25
C VAL A 416 -12.72 9.22 -2.04
N ASN A 417 -13.81 9.96 -2.28
CA ASN A 417 -14.58 10.51 -1.16
C ASN A 417 -15.33 9.44 -0.40
N GLU A 418 -15.81 8.41 -1.11
CA GLU A 418 -16.54 7.31 -0.47
C GLU A 418 -15.65 6.54 0.50
N TYR A 419 -14.41 6.22 0.10
CA TYR A 419 -13.52 5.51 1.00
C TYR A 419 -13.25 6.31 2.26
N LEU A 420 -12.97 7.60 2.10
CA LEU A 420 -12.63 8.40 3.27
C LEU A 420 -13.82 8.57 4.19
N HIS A 421 -15.03 8.66 3.63
CA HIS A 421 -16.21 8.70 4.48
C HIS A 421 -16.30 7.47 5.37
N ASN A 422 -16.04 6.30 4.78
CA ASN A 422 -16.09 5.04 5.53
C ASN A 422 -15.07 5.05 6.67
N VAL A 423 -13.84 5.50 6.37
CA VAL A 423 -12.78 5.57 7.37
C VAL A 423 -13.12 6.57 8.48
N LYS A 424 -13.65 7.74 8.12
CA LYS A 424 -13.98 8.73 9.13
C LYS A 424 -15.13 8.26 10.02
N LEU A 425 -16.15 7.65 9.41
CA LEU A 425 -17.26 7.11 10.20
C LEU A 425 -16.78 5.99 11.12
N ALA A 426 -15.90 5.12 10.62
CA ALA A 426 -15.33 4.07 11.46
C ALA A 426 -14.57 4.65 12.66
N ALA A 427 -13.82 5.73 12.45
CA ALA A 427 -13.09 6.35 13.56
C ALA A 427 -14.02 6.81 14.67
N LYS A 428 -15.24 7.25 14.33
CA LYS A 428 -16.16 7.64 15.39
C LYS A 428 -16.57 6.47 16.27
N HIS A 429 -16.45 5.25 15.77
CA HIS A 429 -16.73 4.04 16.52
C HIS A 429 -15.47 3.37 17.06
N LYS A 430 -14.32 4.05 16.97
CA LYS A 430 -13.01 3.50 17.32
C LYS A 430 -12.72 2.21 16.56
N ILE A 431 -13.02 2.21 15.26
CA ILE A 431 -12.79 1.06 14.38
C ILE A 431 -11.75 1.45 13.34
N SER A 432 -10.78 0.56 13.12
CA SER A 432 -9.78 0.72 12.08
C SER A 432 -10.17 -0.09 10.85
N ILE A 433 -9.69 0.36 9.69
CA ILE A 433 -10.16 -0.12 8.39
C ILE A 433 -9.00 -0.68 7.59
N ASN A 434 -9.21 -1.88 7.04
CA ASN A 434 -8.30 -2.58 6.13
C ASN A 434 -9.07 -2.72 4.81
N THR A 435 -8.70 -1.92 3.80
CA THR A 435 -9.51 -1.79 2.58
C THR A 435 -8.97 -2.70 1.47
N HIS A 436 -9.76 -3.69 1.06
CA HIS A 436 -9.44 -4.44 -0.15
C HIS A 436 -10.20 -3.84 -1.33
N GLU A 437 -9.66 -4.03 -2.53
CA GLU A 437 -10.07 -3.28 -3.72
C GLU A 437 -10.17 -1.79 -3.38
N PRO A 438 -9.07 -1.18 -2.96
CA PRO A 438 -9.10 0.19 -2.43
C PRO A 438 -8.76 1.22 -3.48
N ILE A 439 -8.75 2.50 -3.07
CA ILE A 439 -7.90 3.50 -3.72
C ILE A 439 -6.46 3.24 -3.28
N LYS A 440 -5.51 3.48 -4.17
CA LYS A 440 -4.10 3.33 -3.81
C LYS A 440 -3.76 4.20 -2.61
N ASP A 441 -2.75 3.75 -1.86
CA ASP A 441 -2.28 4.48 -0.69
C ASP A 441 -1.56 5.76 -1.12
N THR A 442 -1.96 6.90 -0.56
CA THR A 442 -1.28 8.16 -0.84
C THR A 442 -0.81 8.82 0.46
N GLY A 443 -0.64 8.03 1.52
CA GLY A 443 -0.12 8.51 2.79
C GLY A 443 -1.15 9.03 3.77
N LEU A 444 -2.44 8.84 3.52
CA LEU A 444 -3.45 9.42 4.39
C LEU A 444 -3.49 8.79 5.79
N ARG A 445 -2.83 7.64 5.98
CA ARG A 445 -2.70 7.08 7.33
C ARG A 445 -2.05 8.06 8.30
N ARG A 446 -1.22 8.98 7.82
CA ARG A 446 -0.71 10.00 8.73
C ARG A 446 -1.84 10.82 9.31
N THR A 447 -2.76 11.25 8.45
CA THR A 447 -3.86 12.15 8.82
C THR A 447 -4.96 11.39 9.54
N TYR A 448 -5.21 10.15 9.15
CA TYR A 448 -6.28 9.31 9.69
C TYR A 448 -5.63 7.98 10.07
N PRO A 449 -5.05 7.89 11.27
CA PRO A 449 -4.27 6.72 11.64
C PRO A 449 -5.08 5.45 11.85
N ASN A 450 -6.41 5.48 11.75
CA ASN A 450 -7.18 4.23 11.76
C ASN A 450 -7.28 3.62 10.36
N TRP A 451 -6.75 4.27 9.34
CA TRP A 451 -6.69 3.67 8.00
C TRP A 451 -5.39 2.86 7.94
N ILE A 452 -5.45 1.63 8.47
CA ILE A 452 -4.20 0.98 8.86
C ILE A 452 -3.52 0.27 7.70
N THR A 453 -4.28 -0.27 6.75
CA THR A 453 -3.65 -1.00 5.65
C THR A 453 -4.66 -1.17 4.52
N ARG A 454 -4.20 -1.73 3.41
CA ARG A 454 -5.08 -1.99 2.27
C ARG A 454 -4.42 -3.04 1.39
N GLU A 455 -5.19 -3.52 0.41
CA GLU A 455 -4.63 -4.46 -0.56
C GLU A 455 -4.17 -3.67 -1.79
N GLY A 456 -4.98 -3.61 -2.84
CA GLY A 456 -4.59 -2.75 -3.97
C GLY A 456 -3.39 -3.25 -4.74
N ALA A 457 -3.28 -4.56 -4.91
CA ALA A 457 -2.22 -5.28 -5.59
C ALA A 457 -2.57 -6.75 -5.43
N ARG A 458 -1.94 -7.60 -6.24
CA ARG A 458 -2.16 -9.04 -6.07
C ARG A 458 -1.45 -9.52 -4.81
N GLY A 459 -2.24 -10.04 -3.86
CA GLY A 459 -1.72 -10.63 -2.67
C GLY A 459 -1.76 -12.15 -2.73
N GLN A 460 -1.69 -12.76 -1.55
CA GLN A 460 -1.65 -14.23 -1.43
C GLN A 460 -2.86 -14.90 -2.07
N GLU A 461 -4.03 -14.25 -2.06
CA GLU A 461 -5.24 -14.91 -2.53
C GLU A 461 -5.10 -15.36 -3.99
N PHE A 462 -4.33 -14.64 -4.79
CA PHE A 462 -4.12 -15.06 -6.18
C PHE A 462 -3.29 -16.31 -6.30
N ASN A 463 -2.64 -16.75 -5.23
CA ASN A 463 -1.89 -17.99 -5.26
C ASN A 463 -2.80 -19.18 -5.00
N ALA A 464 -4.05 -18.96 -4.61
CA ALA A 464 -4.98 -20.07 -4.49
C ALA A 464 -5.65 -20.42 -5.81
N TRP A 465 -5.90 -19.43 -6.68
CA TRP A 465 -6.67 -19.69 -7.89
C TRP A 465 -6.25 -18.83 -9.07
N GLY A 466 -5.11 -18.13 -9.03
CA GLY A 466 -4.83 -17.08 -10.00
C GLY A 466 -4.86 -17.57 -11.43
N THR A 467 -4.33 -18.75 -11.68
CA THR A 467 -4.31 -19.36 -13.03
C THR A 467 -3.76 -18.40 -14.11
N PRO A 468 -2.49 -18.01 -14.00
CA PRO A 468 -1.49 -18.50 -13.04
C PRO A 468 -1.44 -17.75 -11.71
N PRO A 469 -0.83 -18.39 -10.70
CA PRO A 469 -0.59 -17.69 -9.43
C PRO A 469 0.47 -16.61 -9.60
N ASN A 470 0.81 -15.90 -8.53
CA ASN A 470 1.86 -14.90 -8.62
C ASN A 470 3.19 -15.55 -8.97
N PRO A 471 4.01 -14.91 -9.80
CA PRO A 471 5.31 -15.51 -10.17
C PRO A 471 6.33 -15.33 -9.06
N PRO A 472 7.44 -16.08 -9.11
CA PRO A 472 8.52 -15.90 -8.12
C PRO A 472 8.99 -14.45 -7.97
N GLU A 473 9.02 -13.67 -9.04
CA GLU A 473 9.52 -12.30 -8.94
C GLU A 473 8.54 -11.34 -8.25
N HIS A 474 7.32 -11.80 -7.92
CA HIS A 474 6.26 -10.86 -7.55
C HIS A 474 6.62 -10.02 -6.34
N ILE A 475 7.11 -10.64 -5.26
CA ILE A 475 7.44 -9.88 -4.05
C ILE A 475 8.50 -8.83 -4.36
N SER A 476 9.55 -9.23 -5.08
CA SER A 476 10.61 -8.27 -5.41
C SER A 476 10.16 -7.19 -6.38
N MET A 477 9.01 -7.37 -7.04
CA MET A 477 8.39 -6.26 -7.76
C MET A 477 7.62 -5.36 -6.81
N LEU A 478 6.74 -5.95 -5.99
CA LEU A 478 5.94 -5.17 -5.05
C LEU A 478 6.81 -4.24 -4.22
N ALA A 479 7.97 -4.73 -3.78
CA ALA A 479 8.79 -3.98 -2.83
C ALA A 479 9.21 -2.62 -3.37
N PHE A 480 9.31 -2.47 -4.69
CA PHE A 480 9.78 -1.24 -5.29
C PHE A 480 8.71 -0.53 -6.11
N THR A 481 7.47 -1.01 -6.04
CA THR A 481 6.36 -0.37 -6.75
C THR A 481 5.22 -0.15 -5.76
N ARG A 482 4.31 -1.11 -5.65
CA ARG A 482 3.18 -1.00 -4.72
C ARG A 482 3.61 -0.59 -3.31
N MET A 483 4.69 -1.18 -2.79
CA MET A 483 5.05 -0.89 -1.40
C MET A 483 5.59 0.52 -1.20
N LEU A 484 5.97 1.22 -2.27
CA LEU A 484 6.34 2.63 -2.10
C LEU A 484 5.15 3.49 -1.72
N ALA A 485 3.93 3.02 -1.98
CA ALA A 485 2.73 3.77 -1.60
C ALA A 485 2.43 3.69 -0.12
N GLY A 486 2.82 2.60 0.55
CA GLY A 486 2.50 2.39 1.95
C GLY A 486 2.18 0.93 2.25
N PRO A 487 1.67 0.65 3.45
CA PRO A 487 1.52 -0.76 3.89
C PRO A 487 0.52 -1.56 3.06
N MET A 488 0.77 -2.87 2.99
CA MET A 488 -0.10 -3.76 2.24
C MET A 488 -0.47 -4.96 3.09
N ASP A 489 -1.77 -5.29 3.11
CA ASP A 489 -2.30 -6.53 3.66
C ASP A 489 -2.11 -7.64 2.62
N PHE A 490 -0.91 -8.23 2.61
CA PHE A 490 -0.59 -9.29 1.65
C PHE A 490 -1.14 -10.66 2.06
N THR A 491 -1.41 -10.86 3.37
CA THR A 491 -1.76 -12.11 4.05
C THR A 491 -0.67 -13.16 3.80
N PRO A 492 0.52 -12.96 4.37
CA PRO A 492 1.61 -13.91 4.20
C PRO A 492 1.41 -15.18 5.01
N GLY A 493 2.34 -16.12 4.90
CA GLY A 493 2.42 -17.21 5.85
C GLY A 493 1.72 -18.50 5.47
N ILE A 494 1.69 -18.85 4.19
CA ILE A 494 1.12 -20.14 3.80
C ILE A 494 2.17 -21.23 4.02
N PHE A 495 1.83 -22.20 4.89
CA PHE A 495 2.73 -23.30 5.23
C PHE A 495 2.45 -24.55 4.43
N ASP A 496 1.20 -24.83 4.07
CA ASP A 496 0.90 -25.95 3.18
C ASP A 496 0.84 -25.38 1.77
N LEU A 497 1.91 -25.62 1.01
CA LEU A 497 2.02 -25.17 -0.38
C LEU A 497 1.57 -26.24 -1.36
N SER A 498 1.02 -27.35 -0.87
CA SER A 498 0.84 -28.55 -1.67
C SER A 498 -0.63 -28.87 -1.95
N PHE A 499 -1.55 -27.97 -1.58
CA PHE A 499 -2.98 -28.29 -1.64
C PHE A 499 -3.45 -28.53 -3.07
N ASN A 500 -2.76 -27.98 -4.08
CA ASN A 500 -3.08 -28.24 -5.48
C ASN A 500 -2.00 -29.07 -6.18
N GLY A 501 -1.08 -29.65 -5.41
CA GLY A 501 0.07 -30.32 -5.99
C GLY A 501 1.26 -29.39 -6.13
N LEU A 502 2.46 -29.97 -6.01
CA LEU A 502 3.68 -29.21 -6.16
C LEU A 502 4.00 -29.04 -7.65
N GLY A 503 5.21 -28.56 -7.94
CA GLY A 503 5.59 -28.25 -9.30
C GLY A 503 5.27 -26.82 -9.68
N ALA A 504 5.58 -26.49 -10.93
CA ALA A 504 5.51 -25.13 -11.45
C ALA A 504 4.21 -24.81 -12.17
N ASN A 505 3.28 -25.77 -12.29
CA ASN A 505 2.12 -25.61 -13.15
C ASN A 505 0.80 -25.70 -12.38
N THR A 506 0.83 -25.49 -11.08
CA THR A 506 -0.37 -25.55 -10.26
C THR A 506 -0.59 -24.19 -9.59
N ASN A 507 -1.82 -23.98 -9.10
CA ASN A 507 -2.14 -22.78 -8.33
C ASN A 507 -1.67 -22.98 -6.89
N ARG A 508 -0.61 -22.27 -6.51
CA ARG A 508 0.04 -22.34 -5.21
C ARG A 508 0.98 -21.15 -5.12
N PRO A 509 1.34 -20.72 -3.91
CA PRO A 509 2.46 -19.76 -3.80
C PRO A 509 3.70 -20.40 -4.42
N GLN A 510 4.29 -19.69 -5.38
CA GLN A 510 5.45 -20.23 -6.09
C GLN A 510 6.71 -19.78 -5.37
N THR A 511 6.84 -20.29 -4.14
CA THR A 511 7.90 -19.86 -3.21
C THR A 511 8.32 -21.05 -2.36
N THR A 512 9.42 -20.86 -1.64
CA THR A 512 9.79 -21.80 -0.58
C THR A 512 9.08 -21.43 0.72
N LEU A 513 9.19 -22.33 1.69
CA LEU A 513 8.65 -22.07 3.02
C LEU A 513 9.36 -20.89 3.70
N ALA A 514 10.68 -20.82 3.59
CA ALA A 514 11.39 -19.72 4.24
C ALA A 514 11.00 -18.38 3.64
N LYS A 515 10.67 -18.33 2.35
CA LYS A 515 10.23 -17.07 1.77
C LYS A 515 8.91 -16.61 2.40
N GLN A 516 8.02 -17.55 2.75
CA GLN A 516 6.79 -17.18 3.42
C GLN A 516 7.07 -16.52 4.77
N LEU A 517 8.09 -16.99 5.48
CA LEU A 517 8.48 -16.36 6.74
C LEU A 517 9.04 -14.96 6.50
N ALA A 518 9.89 -14.82 5.49
CA ALA A 518 10.55 -13.54 5.23
C ALA A 518 9.55 -12.43 4.94
N LEU A 519 8.38 -12.78 4.38
CA LEU A 519 7.39 -11.77 4.04
C LEU A 519 7.01 -10.90 5.23
N TYR A 520 7.07 -11.43 6.45
CA TYR A 520 6.67 -10.66 7.63
C TYR A 520 7.61 -9.49 7.89
N VAL A 521 8.82 -9.51 7.37
CA VAL A 521 9.71 -8.37 7.50
C VAL A 521 9.84 -7.61 6.19
N VAL A 522 9.67 -8.28 5.05
CA VAL A 522 9.84 -7.61 3.76
C VAL A 522 8.67 -6.69 3.46
N LEU A 523 7.44 -7.13 3.69
CA LEU A 523 6.25 -6.37 3.32
C LEU A 523 5.64 -5.75 4.57
N TYR A 524 5.81 -4.43 4.72
CA TYR A 524 5.31 -3.76 5.92
C TYR A 524 3.78 -3.72 5.94
N SER A 525 3.19 -4.06 7.10
CA SER A 525 1.79 -3.74 7.40
C SER A 525 1.62 -3.72 8.91
N PRO A 526 0.86 -2.78 9.48
CA PRO A 526 0.65 -2.80 10.95
C PRO A 526 -0.14 -4.00 11.40
N ILE A 527 -0.93 -4.61 10.53
CA ILE A 527 -1.55 -5.89 10.84
C ILE A 527 -1.07 -6.90 9.81
N GLN A 528 -0.66 -8.06 10.30
CA GLN A 528 -0.13 -9.12 9.45
C GLN A 528 -0.95 -10.37 9.72
N MET A 529 -1.44 -10.99 8.67
CA MET A 529 -2.18 -12.23 8.83
C MET A 529 -1.21 -13.40 8.82
N ALA A 530 -1.52 -14.39 9.64
CA ALA A 530 -1.02 -15.74 9.40
C ALA A 530 -2.14 -16.42 8.62
N ALA A 531 -1.98 -16.51 7.30
CA ALA A 531 -3.10 -16.74 6.40
C ALA A 531 -3.59 -18.18 6.36
N ASP A 532 -2.80 -19.14 6.84
CA ASP A 532 -3.09 -20.55 6.56
C ASP A 532 -4.09 -21.11 7.57
N LEU A 533 -4.54 -22.34 7.29
CA LEU A 533 -5.37 -23.07 8.23
C LEU A 533 -4.59 -23.36 9.51
N PRO A 534 -5.21 -23.25 10.69
CA PRO A 534 -4.48 -23.55 11.94
C PRO A 534 -3.75 -24.89 11.93
N LYS A 535 -4.36 -25.95 11.39
CA LYS A 535 -3.70 -27.26 11.43
C LYS A 535 -2.41 -27.27 10.62
N ASN A 536 -2.29 -26.38 9.62
CA ASN A 536 -1.05 -26.35 8.85
C ASN A 536 0.09 -25.71 9.63
N TYR A 537 -0.23 -24.81 10.56
CA TYR A 537 0.79 -24.30 11.46
C TYR A 537 1.14 -25.32 12.54
N LEU A 538 0.16 -26.06 13.03
CA LEU A 538 0.44 -27.09 14.03
C LEU A 538 1.35 -28.18 13.47
N ALA A 539 1.38 -28.36 12.16
CA ALA A 539 2.25 -29.35 11.55
C ALA A 539 3.71 -28.91 11.48
N LYS A 540 3.98 -27.60 11.60
CA LYS A 540 5.34 -27.05 11.47
C LYS A 540 5.61 -26.07 12.61
N PRO A 541 5.66 -26.58 13.85
CA PRO A 541 5.78 -25.66 15.01
C PRO A 541 7.08 -24.87 15.05
N ASP A 542 8.20 -25.43 14.57
CA ASP A 542 9.46 -24.70 14.65
C ASP A 542 9.46 -23.50 13.72
N ALA A 543 9.01 -23.71 12.48
CA ALA A 543 8.88 -22.59 11.55
C ALA A 543 7.84 -21.59 12.04
N PHE A 544 6.75 -22.09 12.63
CA PHE A 544 5.70 -21.22 13.13
C PHE A 544 6.18 -20.29 14.24
N GLN A 545 7.23 -20.67 14.96
CA GLN A 545 7.75 -19.81 16.03
C GLN A 545 8.16 -18.44 15.51
N PHE A 546 8.66 -18.36 14.27
CA PHE A 546 9.02 -17.03 13.77
C PHE A 546 7.79 -16.13 13.65
N ILE A 547 6.70 -16.68 13.11
CA ILE A 547 5.45 -15.90 13.01
C ILE A 547 4.94 -15.51 14.39
N GLN A 548 5.05 -16.42 15.36
CA GLN A 548 4.68 -16.08 16.73
C GLN A 548 5.56 -14.96 17.28
N ASP A 549 6.83 -14.93 16.90
CA ASP A 549 7.75 -13.96 17.49
C ASP A 549 7.65 -12.58 16.85
N VAL A 550 7.36 -12.51 15.56
CA VAL A 550 7.69 -11.30 14.79
C VAL A 550 6.70 -10.18 15.13
N PRO A 551 7.16 -8.96 15.38
CA PRO A 551 6.23 -7.84 15.58
C PRO A 551 5.75 -7.29 14.24
N THR A 552 4.84 -6.31 14.32
CA THR A 552 4.29 -5.62 13.16
C THR A 552 4.43 -4.10 13.27
N ASP A 553 5.18 -3.61 14.25
CA ASP A 553 5.30 -2.18 14.51
C ASP A 553 6.75 -1.89 14.81
N TRP A 554 7.34 -0.90 14.14
CA TRP A 554 8.79 -0.81 14.05
C TRP A 554 9.28 0.56 14.46
N GLN A 555 10.33 0.54 15.29
N GLN A 555 10.34 0.59 15.27
CA GLN A 555 11.07 1.73 15.68
CA GLN A 555 10.96 1.87 15.59
C GLN A 555 11.81 2.34 14.49
C GLN A 555 11.79 2.39 14.43
N GLN A 556 12.38 1.48 13.64
CA GLN A 556 13.16 1.89 12.48
C GLN A 556 13.10 0.79 11.43
N SER A 557 13.22 1.17 10.17
CA SER A 557 13.25 0.25 9.06
C SER A 557 14.34 0.69 8.09
N ILE A 558 15.05 -0.28 7.50
CA ILE A 558 16.10 0.02 6.54
C ILE A 558 16.08 -1.06 5.47
N ALA A 559 15.82 -0.66 4.22
CA ALA A 559 16.06 -1.56 3.10
C ALA A 559 17.57 -1.56 2.84
N LEU A 560 18.23 -2.70 3.11
CA LEU A 560 19.69 -2.75 3.07
C LEU A 560 20.24 -2.91 1.65
N ASP A 561 19.52 -3.61 0.78
CA ASP A 561 20.03 -3.92 -0.54
C ASP A 561 18.86 -4.45 -1.35
N GLY A 562 18.99 -4.41 -2.67
CA GLY A 562 17.93 -4.92 -3.50
C GLY A 562 18.03 -4.40 -4.91
N ALA A 563 17.19 -4.99 -5.77
CA ALA A 563 17.10 -4.61 -7.17
C ALA A 563 15.70 -4.97 -7.63
N VAL A 564 15.08 -4.06 -8.39
CA VAL A 564 13.66 -4.21 -8.70
C VAL A 564 13.45 -5.50 -9.48
N GLY A 565 12.51 -6.31 -9.02
CA GLY A 565 12.20 -7.55 -9.70
C GLY A 565 13.22 -8.64 -9.52
N ASP A 566 14.21 -8.45 -8.64
CA ASP A 566 15.24 -9.45 -8.37
C ASP A 566 15.31 -9.84 -6.91
N PHE A 567 15.46 -8.89 -5.99
CA PHE A 567 15.57 -9.23 -4.57
C PHE A 567 15.44 -7.98 -3.72
N ILE A 568 15.21 -8.19 -2.42
CA ILE A 568 15.25 -7.10 -1.45
C ILE A 568 15.58 -7.69 -0.08
N VAL A 569 16.30 -6.89 0.71
CA VAL A 569 16.68 -7.24 2.09
C VAL A 569 16.26 -6.09 2.98
N PHE A 570 15.44 -6.37 3.98
CA PHE A 570 14.99 -5.39 4.97
C PHE A 570 15.52 -5.76 6.34
N ALA A 571 15.96 -4.75 7.11
CA ALA A 571 16.21 -4.89 8.53
C ALA A 571 15.32 -3.89 9.26
N ARG A 572 14.65 -4.34 10.32
CA ARG A 572 13.76 -3.47 11.08
C ARG A 572 13.91 -3.72 12.57
N LYS A 573 13.83 -2.64 13.35
CA LYS A 573 13.97 -2.71 14.80
C LYS A 573 12.58 -2.55 15.42
N GLU A 574 12.21 -3.48 16.29
CA GLU A 574 10.85 -3.49 16.83
C GLU A 574 10.59 -2.24 17.65
N ARG A 575 9.35 -1.77 17.62
CA ARG A 575 8.94 -0.67 18.47
C ARG A 575 8.58 -1.20 19.86
N LYS A 576 8.98 -0.46 20.90
CA LYS A 576 8.63 -0.81 22.27
C LYS A 576 7.14 -0.61 22.49
N ARG A 577 6.40 -1.71 22.69
CA ARG A 577 4.94 -1.71 22.75
C ARG A 577 4.50 -3.11 23.14
N ASP A 578 3.50 -3.21 24.03
CA ASP A 578 2.89 -4.51 24.38
C ASP A 578 3.98 -5.43 24.91
N LYS A 579 4.21 -6.59 24.31
CA LYS A 579 5.20 -7.54 24.81
C LYS A 579 6.59 -7.30 24.24
N TYR A 580 6.75 -6.36 23.32
CA TYR A 580 8.03 -6.13 22.65
C TYR A 580 8.83 -5.09 23.43
N THR A 581 10.05 -5.45 23.82
CA THR A 581 10.90 -4.57 24.61
C THR A 581 11.43 -3.39 23.80
N GLY A 582 11.42 -3.50 22.47
CA GLY A 582 12.10 -2.52 21.65
C GLY A 582 13.57 -2.80 21.39
N ASN A 583 14.11 -3.92 21.86
CA ASN A 583 15.53 -4.17 21.68
C ASN A 583 15.86 -5.11 20.52
N ASP A 584 14.90 -5.91 20.03
CA ASP A 584 15.21 -6.88 19.00
C ASP A 584 15.16 -6.28 17.60
N TRP A 585 16.06 -6.74 16.73
CA TRP A 585 16.00 -6.45 15.30
C TRP A 585 15.48 -7.68 14.56
N TYR A 586 14.94 -7.43 13.37
CA TYR A 586 14.47 -8.49 12.49
C TYR A 586 14.95 -8.23 11.08
N LEU A 587 15.19 -9.30 10.33
CA LEU A 587 15.59 -9.18 8.93
C LEU A 587 14.75 -10.11 8.07
N GLY A 588 14.42 -9.64 6.87
CA GLY A 588 13.78 -10.48 5.89
C GLY A 588 14.40 -10.24 4.53
N ALA A 589 14.57 -11.30 3.76
CA ALA A 589 15.13 -11.21 2.42
C ALA A 589 14.38 -12.18 1.52
N VAL A 590 14.09 -11.75 0.30
CA VAL A 590 13.49 -12.64 -0.70
C VAL A 590 14.17 -12.43 -2.04
N THR A 591 14.08 -13.44 -2.89
CA THR A 591 14.58 -13.37 -4.25
C THR A 591 13.43 -13.66 -5.22
N ASP A 592 13.75 -13.57 -6.51
CA ASP A 592 12.82 -13.85 -7.60
C ASP A 592 12.97 -15.31 -8.01
N GLU A 593 12.90 -15.61 -9.32
CA GLU A 593 13.03 -17.00 -9.74
C GLU A 593 14.45 -17.54 -9.64
N GLN A 594 15.44 -16.68 -9.42
CA GLN A 594 16.83 -17.10 -9.36
C GLN A 594 17.27 -17.31 -7.92
N ALA A 595 18.05 -18.37 -7.68
CA ALA A 595 18.78 -18.47 -6.43
C ALA A 595 19.82 -17.34 -6.40
N ARG A 596 20.03 -16.77 -5.21
CA ARG A 596 20.93 -15.62 -5.09
C ARG A 596 21.71 -15.68 -3.79
N THR A 597 22.96 -15.27 -3.85
CA THR A 597 23.81 -15.08 -2.69
C THR A 597 23.95 -13.59 -2.41
N ILE A 598 23.69 -13.17 -1.18
CA ILE A 598 23.73 -11.75 -0.81
C ILE A 598 24.58 -11.58 0.43
N GLU A 599 25.64 -10.76 0.34
CA GLU A 599 26.47 -10.46 1.50
C GLU A 599 25.88 -9.26 2.24
N ILE A 600 25.69 -9.42 3.55
CA ILE A 600 25.05 -8.41 4.38
C ILE A 600 25.95 -8.09 5.56
N SER A 601 26.17 -6.80 5.81
CA SER A 601 26.80 -6.36 7.05
C SER A 601 25.74 -6.27 8.15
N LEU A 602 26.10 -6.69 9.35
CA LEU A 602 25.20 -6.55 10.49
C LEU A 602 25.41 -5.24 11.24
N ASP A 603 26.05 -4.24 10.62
CA ASP A 603 26.33 -3.02 11.37
C ASP A 603 25.10 -2.17 11.64
N PHE A 604 23.91 -2.61 11.22
CA PHE A 604 22.69 -1.96 11.69
C PHE A 604 22.40 -2.29 13.15
N LEU A 605 22.93 -3.40 13.67
CA LEU A 605 22.69 -3.76 15.06
C LEU A 605 23.28 -2.72 16.00
N ASP A 606 22.63 -2.52 17.14
CA ASP A 606 23.09 -1.54 18.12
C ASP A 606 24.52 -1.81 18.54
N ASN A 607 25.33 -0.77 18.58
N ASN A 607 25.33 -0.77 18.58
CA ASN A 607 26.74 -0.91 18.94
CA ASN A 607 26.74 -0.92 18.93
C ASN A 607 26.87 -1.32 20.41
C ASN A 607 26.88 -1.32 20.39
N GLY A 608 27.83 -2.21 20.67
CA GLY A 608 28.11 -2.62 22.03
C GLY A 608 27.15 -3.62 22.62
N LYS A 609 26.23 -4.17 21.85
CA LYS A 609 25.26 -5.14 22.35
C LYS A 609 25.46 -6.48 21.66
N GLN A 610 25.20 -7.56 22.39
CA GLN A 610 25.25 -8.88 21.81
C GLN A 610 23.84 -9.36 21.48
N PHE A 611 23.72 -10.06 20.36
CA PHE A 611 22.45 -10.60 19.89
C PHE A 611 22.61 -12.09 19.63
N GLU A 612 21.51 -12.81 19.78
CA GLU A 612 21.44 -14.19 19.32
C GLU A 612 20.56 -14.18 18.08
N ALA A 613 21.17 -14.40 16.91
CA ALA A 613 20.41 -14.48 15.67
C ALA A 613 19.72 -15.83 15.59
N HIS A 614 18.42 -15.81 15.33
CA HIS A 614 17.61 -17.01 15.15
C HIS A 614 17.26 -17.01 13.67
N ILE A 615 17.99 -17.82 12.89
CA ILE A 615 18.02 -17.69 11.44
C ILE A 615 17.13 -18.76 10.83
N TYR A 616 16.14 -18.36 10.04
CA TYR A 616 15.26 -19.30 9.35
C TYR A 616 15.54 -19.17 7.86
N LYS A 617 16.16 -20.19 7.26
CA LYS A 617 16.64 -20.04 5.90
C LYS A 617 16.33 -21.29 5.09
N ASP A 618 16.44 -21.14 3.76
CA ASP A 618 16.29 -22.26 2.85
C ASP A 618 17.30 -23.35 3.17
N GLY A 619 16.83 -24.60 3.20
CA GLY A 619 17.73 -25.72 3.30
C GLY A 619 18.67 -25.80 2.10
N LYS A 620 19.76 -26.54 2.30
CA LYS A 620 20.80 -26.67 1.29
C LYS A 620 20.23 -27.02 -0.09
N ASN A 621 19.27 -27.94 -0.15
CA ASN A 621 18.71 -28.41 -1.42
C ASN A 621 17.34 -27.83 -1.73
N ALA A 622 16.90 -26.79 -1.03
CA ALA A 622 15.60 -26.20 -1.31
C ALA A 622 15.54 -25.62 -2.71
N GLU A 623 14.37 -25.76 -3.35
CA GLU A 623 14.05 -25.08 -4.60
C GLU A 623 12.54 -25.10 -4.71
N TRP A 624 11.94 -23.99 -5.18
CA TRP A 624 10.52 -23.80 -4.90
C TRP A 624 9.62 -24.80 -5.62
N LYS A 625 10.04 -25.33 -6.77
CA LYS A 625 9.12 -26.12 -7.60
C LYS A 625 8.74 -27.43 -6.91
N ASN A 626 9.75 -28.25 -6.59
CA ASN A 626 9.46 -29.57 -6.03
C ASN A 626 10.10 -29.81 -4.66
N ASN A 627 10.87 -28.86 -4.14
CA ASN A 627 11.44 -29.03 -2.81
C ASN A 627 11.33 -27.74 -1.99
N PRO A 628 10.14 -27.17 -1.85
CA PRO A 628 10.02 -25.87 -1.17
C PRO A 628 10.13 -25.93 0.34
N TYR A 629 10.01 -27.10 0.96
CA TYR A 629 9.92 -27.12 2.41
C TYR A 629 11.27 -27.30 3.12
N ASP A 630 12.35 -27.61 2.40
CA ASP A 630 13.63 -27.79 3.08
C ASP A 630 14.00 -26.51 3.80
N LEU A 631 14.25 -26.62 5.11
CA LEU A 631 14.40 -25.46 5.96
C LEU A 631 15.48 -25.73 6.99
N THR A 632 16.32 -24.73 7.24
CA THR A 632 17.31 -24.79 8.30
C THR A 632 17.03 -23.68 9.30
N ILE A 633 17.05 -24.01 10.59
CA ILE A 633 16.89 -23.01 11.65
C ILE A 633 18.13 -23.11 12.52
N GLU A 634 18.82 -21.99 12.68
CA GLU A 634 20.11 -21.95 13.33
C GLU A 634 20.14 -20.82 14.35
N LYS A 635 20.83 -21.01 15.46
CA LYS A 635 21.10 -19.93 16.40
C LYS A 635 22.58 -19.59 16.36
N ARG A 636 22.90 -18.30 16.25
N ARG A 636 22.88 -18.29 16.33
CA ARG A 636 24.27 -17.83 16.22
CA ARG A 636 24.25 -17.80 16.17
C ARG A 636 24.38 -16.53 16.99
C ARG A 636 24.42 -16.49 16.93
N LEU A 637 25.43 -16.41 17.79
CA LEU A 637 25.72 -15.18 18.51
C LEU A 637 26.40 -14.20 17.55
N VAL A 638 25.90 -12.96 17.50
CA VAL A 638 26.41 -11.96 16.56
C VAL A 638 26.43 -10.60 17.23
N THR A 639 27.25 -9.71 16.69
CA THR A 639 27.28 -8.30 17.04
C THR A 639 27.35 -7.49 15.75
N ALA A 640 27.34 -6.16 15.91
CA ALA A 640 27.36 -5.26 14.77
C ALA A 640 28.61 -5.42 13.91
N SER A 641 29.69 -5.99 14.45
CA SER A 641 30.89 -6.15 13.65
C SER A 641 30.85 -7.39 12.77
N ASP A 642 29.78 -8.17 12.82
CA ASP A 642 29.73 -9.40 12.03
C ASP A 642 29.10 -9.15 10.67
N LYS A 643 29.18 -10.17 9.83
CA LYS A 643 28.52 -10.16 8.53
C LYS A 643 27.79 -11.47 8.33
N LEU A 644 26.94 -11.50 7.31
CA LEU A 644 26.10 -12.63 7.01
C LEU A 644 26.09 -12.85 5.51
N THR A 645 26.19 -14.11 5.09
CA THR A 645 26.00 -14.48 3.71
C THR A 645 24.61 -15.09 3.58
N LEU A 646 23.71 -14.39 2.89
CA LEU A 646 22.39 -14.96 2.63
C LEU A 646 22.47 -15.86 1.41
N LYS A 647 21.95 -17.08 1.53
CA LYS A 647 21.90 -18.03 0.41
C LYS A 647 20.43 -18.32 0.15
N LEU A 648 19.85 -17.64 -0.82
CA LEU A 648 18.43 -17.76 -1.10
C LEU A 648 18.22 -18.79 -2.21
N ALA A 649 17.34 -19.76 -1.98
CA ALA A 649 16.97 -20.73 -2.99
C ALA A 649 16.17 -20.05 -4.10
N THR A 650 15.91 -20.77 -5.19
CA THR A 650 14.96 -20.26 -6.19
C THR A 650 13.63 -19.93 -5.53
N SER A 651 13.14 -18.71 -5.78
CA SER A 651 12.00 -18.10 -5.06
C SER A 651 12.06 -18.39 -3.57
N GLY A 652 13.23 -18.18 -2.99
CA GLY A 652 13.49 -18.43 -1.59
C GLY A 652 13.62 -17.17 -0.77
N GLY A 653 14.01 -17.36 0.49
CA GLY A 653 14.14 -16.22 1.38
C GLY A 653 14.78 -16.64 2.69
N THR A 654 14.97 -15.65 3.55
CA THR A 654 15.53 -15.86 4.88
C THR A 654 14.86 -14.89 5.83
N ALA A 655 14.54 -15.37 7.02
CA ALA A 655 13.96 -14.53 8.07
C ALA A 655 14.83 -14.69 9.30
N ILE A 656 15.12 -13.59 9.99
CA ILE A 656 16.00 -13.65 11.16
C ILE A 656 15.40 -12.83 12.28
N ARG A 657 15.37 -13.40 13.48
CA ARG A 657 15.17 -12.62 14.69
C ARG A 657 16.52 -12.42 15.37
N PHE A 658 16.93 -11.17 15.54
CA PHE A 658 18.13 -10.83 16.31
C PHE A 658 17.68 -10.52 17.74
N LYS A 659 17.81 -11.49 18.63
CA LYS A 659 17.33 -11.35 20.00
C LYS A 659 18.41 -10.69 20.84
N ALA A 660 18.14 -9.48 21.32
CA ALA A 660 19.08 -8.77 22.17
C ALA A 660 19.27 -9.54 23.48
N LEU A 661 20.52 -9.71 23.90
CA LEU A 661 20.81 -10.41 25.14
C LEU A 661 21.13 -9.42 26.26
N LEU A 662 20.63 -9.72 27.46
CA LEU A 662 20.78 -8.83 28.62
C LEU A 662 22.23 -8.43 28.91
C1 GOL B . -14.30 -11.64 -0.19
O1 GOL B . -14.35 -10.38 0.45
C2 GOL B . -12.99 -11.80 -0.99
O2 GOL B . -12.81 -10.74 -1.90
C3 GOL B . -11.82 -11.82 -0.04
O3 GOL B . -11.81 -13.05 0.63
C1 GOL C . 3.42 30.79 0.01
O1 GOL C . 2.03 30.65 0.13
C2 GOL C . 4.05 30.79 1.40
O2 GOL C . 3.65 29.65 2.13
C3 GOL C . 3.66 32.04 2.17
O3 GOL C . 4.31 32.04 3.43
C1 GOL D . 8.71 -25.97 19.00
O1 GOL D . 7.42 -25.73 19.51
C2 GOL D . 9.37 -27.17 19.70
O2 GOL D . 10.34 -27.72 18.84
C3 GOL D . 10.04 -26.73 20.99
O3 GOL D . 10.82 -27.80 21.50
C1 GOL E . -17.33 -14.82 -10.80
O1 GOL E . -18.41 -15.66 -11.13
C2 GOL E . -16.67 -14.33 -12.08
O2 GOL E . -17.63 -14.21 -13.11
C3 GOL E . -16.11 -12.94 -11.81
O3 GOL E . -14.76 -13.04 -11.45
C1 GOL F . -15.61 12.77 3.95
O1 GOL F . -14.36 13.40 3.78
C2 GOL F . -15.95 12.00 2.68
O2 GOL F . -15.04 12.35 1.66
C3 GOL F . -17.38 12.28 2.24
O3 GOL F . -17.43 13.15 1.13
CA CA G . -8.83 -8.76 -3.66
CL CL H . -7.53 -3.64 -6.53
CL CL I . 3.67 -14.36 -4.19
MG MG J . 14.22 -10.69 -11.55
C FMT K . -5.18 12.25 -23.85
O1 FMT K . -5.57 13.40 -24.07
O2 FMT K . -5.91 11.28 -23.65
C FMT L . 19.95 -22.65 -1.24
O1 FMT L . 19.87 -22.74 -0.01
O2 FMT L . 20.92 -22.22 -1.85
C FMT M . 16.90 20.51 -15.91
O1 FMT M . 16.40 21.08 -14.94
O2 FMT M . 18.07 20.10 -15.98
UNK UNX N . -16.11 24.33 -15.67
#